data_4YIC
#
_entry.id   4YIC
#
_cell.length_a   64.681
_cell.length_b   86.141
_cell.length_c   72.339
_cell.angle_alpha   90.000
_cell.angle_beta   100.860
_cell.angle_gamma   90.000
#
_symmetry.space_group_name_H-M   'P 1 21 1'
#
loop_
_entity.id
_entity.type
_entity.pdbx_description
1 polymer 'TRAP TRANSPORTER SOLUTE BINDING PROTEIN'
2 non-polymer 'CALCIUM ION'
3 non-polymer 'ACETATE ION'
4 non-polymer 'PYRIDINE-2-CARBOXYLIC ACID'
5 non-polymer IMIDAZOLE
6 water water
#
_entity_poly.entity_id   1
_entity_poly.type   'polypeptide(L)'
_entity_poly.pdbx_seq_one_letter_code
;MQRRRFLAQAAGAAGAGLAAVGMPAMAQANPTVRWRMSTSWPKSLDTIYGSADELCKRVGQLTDGKFEIRAFPGGELVPS
AQNMDAVSNGTVECNHVLSTMYIGKNTALTFDTGLSFGLNARQHNAWIHYGGGLQQLRELYKKYNIVNHVCGNVGVQMGG
WYRKEIKSTADLNGLNMRIGGIGGMVLSKLGVVPQQIPPGDIYPALEKGTIDAAEWIGPYDDEKLGFNKVAPYYYSPGWF
EGSASITSMVNDKAWEALPPAYQAAFEAACGEQSMRMLANYDARNPLALRKLIAGGAKVSFFPKEVMDAVYKASQQLWTE
LSEKNPDFKAIYPGWKKFQEDEAGWFRVAENALDNYTFAAVARAQAKAENLYFQGHHHHHHHHHH
;
_entity_poly.pdbx_strand_id   A,B
#
loop_
_chem_comp.id
_chem_comp.type
_chem_comp.name
_chem_comp.formula
6PC non-polymer 'PYRIDINE-2-CARBOXYLIC ACID' 'C6 H5 N O2'
ACT non-polymer 'ACETATE ION' 'C2 H3 O2 -1'
CA non-polymer 'CALCIUM ION' 'Ca 2'
IMD non-polymer IMIDAZOLE 'C3 H5 N2 1'
#
# COMPACT_ATOMS: atom_id res chain seq x y z
N ALA A 29 27.86 -23.24 -9.28
CA ALA A 29 26.67 -23.19 -8.44
C ALA A 29 26.85 -22.24 -7.28
N ASN A 30 25.77 -21.56 -6.88
CA ASN A 30 25.81 -20.71 -5.70
C ASN A 30 26.06 -21.53 -4.43
N PRO A 31 26.85 -20.99 -3.49
CA PRO A 31 27.18 -21.69 -2.25
C PRO A 31 25.98 -21.95 -1.33
N THR A 32 26.18 -22.79 -0.32
CA THR A 32 25.27 -22.85 0.82
C THR A 32 25.62 -21.74 1.82
N VAL A 33 24.62 -20.94 2.17
CA VAL A 33 24.80 -19.83 3.10
C VAL A 33 23.80 -19.95 4.26
N ARG A 34 24.30 -19.84 5.48
CA ARG A 34 23.47 -19.91 6.68
C ARG A 34 23.55 -18.61 7.47
N TRP A 35 22.39 -17.99 7.68
CA TRP A 35 22.26 -16.74 8.45
C TRP A 35 21.35 -16.89 9.64
N ARG A 36 21.55 -16.05 10.66
CA ARG A 36 20.57 -15.87 11.72
C ARG A 36 19.93 -14.48 11.59
N MET A 37 18.62 -14.43 11.78
CA MET A 37 17.87 -13.16 11.82
C MET A 37 17.32 -12.94 13.21
N SER A 38 17.81 -11.92 13.91
CA SER A 38 17.30 -11.61 15.24
C SER A 38 16.16 -10.61 15.12
N THR A 39 14.94 -11.05 15.39
CA THR A 39 13.80 -10.14 15.41
C THR A 39 13.59 -9.55 16.79
N SER A 40 12.64 -8.61 16.85
CA SER A 40 12.30 -7.93 18.11
C SER A 40 10.94 -8.39 18.65
N TRP A 41 10.39 -9.46 18.08
CA TRP A 41 8.98 -9.81 18.32
C TRP A 41 8.77 -11.19 18.89
N PRO A 42 7.66 -11.35 19.61
CA PRO A 42 7.32 -12.71 20.01
C PRO A 42 6.71 -13.50 18.89
N LYS A 43 6.98 -14.79 18.90
CA LYS A 43 6.45 -15.72 17.90
C LYS A 43 4.92 -15.68 17.80
N SER A 44 4.26 -15.34 18.90
CA SER A 44 2.79 -15.32 18.93
C SER A 44 2.17 -14.29 17.99
N LEU A 45 2.91 -13.25 17.65
CA LEU A 45 2.44 -12.26 16.65
C LEU A 45 2.64 -12.77 15.23
N ASP A 46 1.67 -13.56 14.72
CA ASP A 46 1.81 -14.19 13.43
C ASP A 46 1.62 -13.18 12.32
N THR A 47 1.37 -11.94 12.70
CA THR A 47 1.44 -10.80 11.81
C THR A 47 2.91 -10.38 11.58
N ILE A 48 3.49 -9.64 12.54
CA ILE A 48 4.82 -9.09 12.30
C ILE A 48 5.89 -10.17 12.39
N TYR A 49 5.85 -11.07 13.37
CA TYR A 49 6.80 -12.19 13.38
C TYR A 49 6.53 -13.16 12.23
N GLY A 50 5.27 -13.42 11.96
CA GLY A 50 4.91 -14.30 10.84
C GLY A 50 5.50 -13.82 9.51
N SER A 51 5.57 -12.51 9.33
CA SER A 51 6.15 -11.90 8.13
C SER A 51 7.67 -12.13 8.06
N ALA A 52 8.35 -12.06 9.21
CA ALA A 52 9.76 -12.39 9.27
C ALA A 52 9.98 -13.84 8.85
N ASP A 53 9.13 -14.73 9.34
CA ASP A 53 9.17 -16.14 8.97
C ASP A 53 8.93 -16.30 7.47
N GLU A 54 7.94 -15.60 6.92
CA GLU A 54 7.64 -15.69 5.49
C GLU A 54 8.83 -15.25 4.66
N LEU A 55 9.48 -14.16 5.10
CA LEU A 55 10.63 -13.64 4.41
C LEU A 55 11.70 -14.71 4.30
N CYS A 56 12.04 -15.30 5.44
CA CYS A 56 13.05 -16.34 5.49
C CYS A 56 12.65 -17.52 4.62
N LYS A 57 11.37 -17.90 4.70
CA LYS A 57 10.85 -19.03 3.92
C LYS A 57 11.01 -18.79 2.43
N ARG A 58 10.68 -17.58 1.99
CA ARG A 58 10.72 -17.23 0.57
C ARG A 58 12.16 -17.25 0.06
N VAL A 59 13.08 -16.70 0.82
CA VAL A 59 14.51 -16.76 0.44
C VAL A 59 14.94 -18.24 0.26
N GLY A 60 14.43 -19.13 1.10
CA GLY A 60 14.78 -20.54 0.97
C GLY A 60 14.24 -21.08 -0.35
N GLN A 61 12.99 -20.74 -0.64
CA GLN A 61 12.36 -21.21 -1.87
C GLN A 61 13.10 -20.73 -3.10
N LEU A 62 13.50 -19.46 -3.05
CA LEU A 62 14.15 -18.83 -4.18
C LEU A 62 15.51 -19.45 -4.48
N THR A 63 16.16 -19.98 -3.44
CA THR A 63 17.53 -20.47 -3.54
C THR A 63 17.59 -21.98 -3.38
N ASP A 64 16.42 -22.63 -3.47
CA ASP A 64 16.32 -24.09 -3.32
C ASP A 64 16.98 -24.54 -2.02
N GLY A 65 16.80 -23.74 -0.97
CA GLY A 65 17.22 -24.13 0.36
C GLY A 65 18.67 -23.80 0.65
N LYS A 66 19.40 -23.33 -0.36
CA LYS A 66 20.84 -23.09 -0.19
C LYS A 66 21.12 -21.81 0.59
N PHE A 67 20.24 -20.82 0.51
CA PHE A 67 20.38 -19.63 1.33
C PHE A 67 19.38 -19.77 2.47
N GLU A 68 19.88 -20.24 3.61
CA GLU A 68 19.05 -20.55 4.76
C GLU A 68 19.15 -19.46 5.83
N ILE A 69 18.04 -18.74 6.04
CA ILE A 69 17.96 -17.74 7.09
C ILE A 69 16.98 -18.23 8.14
N ARG A 70 17.42 -18.26 9.40
CA ARG A 70 16.59 -18.69 10.51
C ARG A 70 16.23 -17.48 11.39
N ALA A 71 14.94 -17.27 11.62
CA ALA A 71 14.48 -16.14 12.41
C ALA A 71 14.33 -16.56 13.86
N PHE A 72 14.60 -15.61 14.75
CA PHE A 72 14.53 -15.84 16.20
C PHE A 72 13.67 -14.75 16.82
N PRO A 73 12.82 -15.13 17.79
CA PRO A 73 11.97 -14.20 18.52
C PRO A 73 12.77 -13.17 19.31
N GLY A 74 12.15 -12.03 19.60
CA GLY A 74 12.74 -11.02 20.46
C GLY A 74 13.28 -11.55 21.77
N GLY A 75 14.51 -11.16 22.07
CA GLY A 75 15.16 -11.52 23.31
C GLY A 75 15.81 -12.88 23.31
N GLU A 76 15.64 -13.67 22.25
CA GLU A 76 16.20 -15.02 22.29
C GLU A 76 17.71 -15.04 22.03
N LEU A 77 18.19 -14.38 20.98
CA LEU A 77 19.64 -14.33 20.72
C LEU A 77 20.32 -13.21 21.51
N VAL A 78 19.74 -12.01 21.42
CA VAL A 78 20.17 -10.86 22.19
C VAL A 78 18.90 -10.11 22.59
N PRO A 79 18.99 -9.24 23.61
CA PRO A 79 17.82 -8.39 23.89
C PRO A 79 17.51 -7.56 22.66
N SER A 80 16.25 -7.27 22.41
CA SER A 80 15.90 -6.54 21.19
C SER A 80 16.55 -5.15 21.21
N ALA A 81 16.80 -4.61 22.40
CA ALA A 81 17.50 -3.33 22.48
C ALA A 81 18.90 -3.38 21.85
N GLN A 82 19.46 -4.58 21.74
CA GLN A 82 20.80 -4.76 21.17
C GLN A 82 20.79 -5.20 19.69
N ASN A 83 19.61 -5.27 19.08
CA ASN A 83 19.51 -5.84 17.74
C ASN A 83 20.25 -5.06 16.66
N MET A 84 20.34 -3.73 16.80
CA MET A 84 21.12 -2.96 15.83
C MET A 84 22.62 -3.19 16.03
N ASP A 85 23.07 -3.04 17.27
CA ASP A 85 24.48 -3.26 17.57
C ASP A 85 24.94 -4.68 17.22
N ALA A 86 24.08 -5.67 17.45
CA ALA A 86 24.40 -7.07 17.14
C ALA A 86 24.65 -7.29 15.66
N VAL A 87 23.98 -6.53 14.81
CA VAL A 87 24.20 -6.63 13.38
C VAL A 87 25.49 -5.88 13.00
N SER A 88 25.64 -4.67 13.52
CA SER A 88 26.84 -3.88 13.24
C SER A 88 28.10 -4.66 13.62
N ASN A 89 28.04 -5.41 14.71
CA ASN A 89 29.17 -6.21 15.20
C ASN A 89 29.37 -7.54 14.49
N GLY A 90 28.42 -7.93 13.66
CA GLY A 90 28.50 -9.22 12.99
C GLY A 90 28.10 -10.38 13.88
N THR A 91 27.58 -10.09 15.06
CA THR A 91 27.09 -11.13 15.96
C THR A 91 25.98 -11.94 15.29
N VAL A 92 25.07 -11.26 14.60
CA VAL A 92 24.13 -11.91 13.70
C VAL A 92 24.23 -11.21 12.36
N GLU A 93 23.79 -11.89 11.31
CA GLU A 93 23.93 -11.34 9.97
C GLU A 93 22.88 -10.30 9.70
N CYS A 94 21.72 -10.45 10.31
CA CYS A 94 20.63 -9.52 10.06
C CYS A 94 19.60 -9.50 11.18
N ASN A 95 18.73 -8.50 11.15
CA ASN A 95 17.69 -8.39 12.14
C ASN A 95 16.35 -8.04 11.50
N HIS A 96 15.35 -7.83 12.35
CA HIS A 96 14.00 -7.55 11.89
C HIS A 96 13.40 -6.69 12.99
N VAL A 97 13.36 -5.37 12.74
CA VAL A 97 13.24 -4.40 13.83
C VAL A 97 12.43 -3.15 13.47
N LEU A 98 12.08 -2.42 14.53
CA LEU A 98 11.65 -1.03 14.45
C LEU A 98 12.87 -0.17 14.62
N SER A 99 13.33 0.49 13.57
CA SER A 99 14.62 1.16 13.64
C SER A 99 14.66 2.26 14.71
N THR A 100 13.54 2.91 14.96
CA THR A 100 13.52 3.97 15.96
C THR A 100 13.45 3.43 17.40
N MET A 101 13.57 2.12 17.60
CA MET A 101 13.94 1.63 18.95
C MET A 101 15.34 2.19 19.26
N TYR A 102 16.11 2.52 18.23
CA TYR A 102 17.52 2.88 18.41
C TYR A 102 17.79 4.37 18.17
N ILE A 103 16.80 5.20 18.46
CA ILE A 103 16.94 6.64 18.27
C ILE A 103 17.98 7.24 19.21
N GLY A 104 18.23 6.54 20.31
CA GLY A 104 19.32 6.90 21.21
C GLY A 104 20.67 6.92 20.51
N LYS A 105 20.81 6.10 19.48
CA LYS A 105 22.01 6.07 18.68
C LYS A 105 22.04 7.19 17.65
N ASN A 106 20.95 7.36 16.92
CA ASN A 106 20.88 8.39 15.91
C ASN A 106 19.41 8.70 15.62
N THR A 107 18.99 9.94 15.86
CA THR A 107 17.59 10.31 15.65
C THR A 107 17.21 10.32 14.17
N ALA A 108 18.20 10.36 13.28
CA ALA A 108 17.90 10.37 11.85
C ALA A 108 17.31 9.03 11.41
N LEU A 109 17.43 8.01 12.26
CA LEU A 109 16.81 6.72 11.95
C LEU A 109 15.31 6.87 11.82
N THR A 110 14.76 7.96 12.30
CA THR A 110 13.31 8.13 12.24
C THR A 110 12.82 8.25 10.80
N PHE A 111 13.68 8.59 9.85
CA PHE A 111 13.25 8.66 8.45
C PHE A 111 13.01 7.26 7.87
N ASP A 112 13.69 6.26 8.44
CA ASP A 112 13.52 4.87 8.04
C ASP A 112 12.17 4.31 8.55
N THR A 113 11.93 4.45 9.86
CA THR A 113 10.69 3.92 10.46
C THR A 113 9.44 4.75 10.14
N GLY A 114 9.59 6.07 10.28
CA GLY A 114 8.50 7.01 10.08
C GLY A 114 8.57 8.14 11.11
N LEU A 115 8.19 9.34 10.67
CA LEU A 115 8.03 10.47 11.55
C LEU A 115 6.60 10.56 12.04
N SER A 116 6.40 11.12 13.24
CA SER A 116 5.07 11.46 13.74
C SER A 116 4.37 12.36 12.72
N PHE A 117 3.07 12.13 12.48
CA PHE A 117 2.33 12.81 11.44
C PHE A 117 3.06 12.77 10.08
N GLY A 118 3.75 11.66 9.82
CA GLY A 118 4.57 11.53 8.65
C GLY A 118 3.86 10.88 7.47
N LEU A 119 4.65 10.35 6.56
CA LEU A 119 4.14 9.68 5.36
C LEU A 119 3.29 8.47 5.73
N ASN A 120 2.20 8.22 4.99
CA ASN A 120 1.50 6.97 5.20
C ASN A 120 2.29 5.83 4.48
N ALA A 121 1.83 4.59 4.60
CA ALA A 121 2.61 3.46 4.14
C ALA A 121 2.91 3.56 2.64
N ARG A 122 1.88 3.89 1.87
CA ARG A 122 2.06 4.10 0.43
C ARG A 122 3.15 5.12 0.17
N GLN A 123 3.01 6.28 0.81
CA GLN A 123 3.91 7.41 0.53
C GLN A 123 5.33 7.09 0.99
N HIS A 124 5.43 6.34 2.09
CA HIS A 124 6.75 5.97 2.59
C HIS A 124 7.47 5.04 1.63
N ASN A 125 6.78 4.02 1.13
CA ASN A 125 7.41 3.15 0.16
C ASN A 125 7.76 3.87 -1.15
N ALA A 126 6.91 4.81 -1.54
CA ALA A 126 7.20 5.71 -2.66
C ALA A 126 8.50 6.49 -2.42
N TRP A 127 8.61 7.09 -1.23
CA TRP A 127 9.80 7.89 -0.92
C TRP A 127 11.05 7.00 -0.94
N ILE A 128 10.97 5.85 -0.31
CA ILE A 128 12.10 4.95 -0.23
C ILE A 128 12.57 4.48 -1.62
N HIS A 129 11.66 3.97 -2.43
CA HIS A 129 12.07 3.25 -3.66
C HIS A 129 12.16 4.11 -4.92
N TYR A 130 11.43 5.21 -4.96
CA TYR A 130 11.39 6.05 -6.17
C TYR A 130 11.58 7.52 -5.84
N GLY A 131 11.72 7.86 -4.56
CA GLY A 131 11.87 9.26 -4.15
C GLY A 131 13.26 9.62 -3.64
N GLY A 132 14.18 8.66 -3.67
CA GLY A 132 15.56 8.89 -3.26
C GLY A 132 15.86 8.55 -1.81
N GLY A 133 14.85 8.07 -1.09
CA GLY A 133 15.02 7.78 0.34
C GLY A 133 16.00 6.66 0.64
N LEU A 134 15.94 5.56 -0.11
CA LEU A 134 16.76 4.41 0.23
C LEU A 134 18.24 4.76 0.19
N GLN A 135 18.63 5.52 -0.83
CA GLN A 135 20.03 5.92 -1.01
C GLN A 135 20.50 6.77 0.17
N GLN A 136 19.65 7.66 0.64
CA GLN A 136 20.04 8.53 1.74
C GLN A 136 20.18 7.72 3.03
N LEU A 137 19.30 6.75 3.20
CA LEU A 137 19.37 5.89 4.36
C LEU A 137 20.57 4.95 4.29
N ARG A 138 20.92 4.51 3.08
CA ARG A 138 22.06 3.62 2.92
C ARG A 138 23.33 4.33 3.35
N GLU A 139 23.39 5.62 3.06
CA GLU A 139 24.55 6.42 3.43
C GLU A 139 24.66 6.54 4.95
N LEU A 140 23.52 6.79 5.59
CA LEU A 140 23.44 6.86 7.05
C LEU A 140 23.87 5.53 7.66
N TYR A 141 23.31 4.44 7.16
CA TYR A 141 23.51 3.14 7.79
C TYR A 141 24.93 2.62 7.59
N LYS A 142 25.58 3.09 6.54
CA LYS A 142 26.93 2.64 6.22
C LYS A 142 27.87 2.95 7.37
N LYS A 143 27.58 4.03 8.10
CA LYS A 143 28.38 4.44 9.25
C LYS A 143 28.38 3.41 10.36
N TYR A 144 27.36 2.53 10.36
CA TYR A 144 27.16 1.54 11.41
C TYR A 144 27.31 0.13 10.87
N ASN A 145 28.01 0.01 9.74
CA ASN A 145 28.29 -1.27 9.09
C ASN A 145 27.03 -2.02 8.67
N ILE A 146 26.02 -1.28 8.21
CA ILE A 146 24.72 -1.88 7.90
C ILE A 146 24.28 -1.51 6.50
N VAL A 147 23.70 -2.52 5.85
CA VAL A 147 22.93 -2.36 4.62
C VAL A 147 21.47 -2.60 4.98
N ASN A 148 20.66 -1.57 4.85
CA ASN A 148 19.27 -1.64 5.30
C ASN A 148 18.26 -1.94 4.20
N HIS A 149 17.23 -2.72 4.54
CA HIS A 149 16.14 -3.05 3.63
C HIS A 149 14.81 -2.85 4.34
N VAL A 150 13.87 -2.14 3.71
CA VAL A 150 12.51 -2.06 4.22
C VAL A 150 11.86 -3.41 3.99
N CYS A 151 11.24 -3.98 5.02
CA CYS A 151 10.68 -5.33 4.88
C CYS A 151 9.30 -5.48 5.50
N GLY A 152 8.62 -4.37 5.78
CA GLY A 152 7.28 -4.50 6.31
C GLY A 152 6.71 -3.17 6.71
N ASN A 153 5.43 -3.17 7.09
CA ASN A 153 4.73 -1.98 7.55
C ASN A 153 3.50 -2.43 8.28
N VAL A 154 3.15 -1.75 9.37
CA VAL A 154 1.93 -2.10 10.10
C VAL A 154 0.85 -1.05 9.95
N GLY A 155 1.08 -0.04 9.11
CA GLY A 155 0.07 0.98 8.81
C GLY A 155 -0.07 2.03 9.89
N VAL A 156 -1.24 2.67 9.95
CA VAL A 156 -1.54 3.57 11.05
C VAL A 156 -1.92 2.75 12.28
N GLN A 157 -1.18 3.02 13.35
CA GLN A 157 -1.38 2.33 14.61
C GLN A 157 -2.56 2.91 15.38
N MET A 158 -2.99 2.23 16.44
CA MET A 158 -3.92 2.83 17.39
C MET A 158 -3.17 3.75 18.39
N GLY A 159 -3.93 4.53 19.16
CA GLY A 159 -3.39 5.51 20.09
C GLY A 159 -2.95 4.88 21.38
N GLY A 160 -3.37 3.64 21.61
CA GLY A 160 -2.94 2.87 22.76
C GLY A 160 -4.00 2.70 23.81
N TRP A 161 -3.58 2.10 24.93
CA TRP A 161 -4.44 1.63 26.00
C TRP A 161 -4.18 2.46 27.23
N TYR A 162 -5.24 2.99 27.84
CA TYR A 162 -5.10 3.91 28.98
C TYR A 162 -5.97 3.47 30.15
N ARG A 163 -5.39 3.51 31.36
CA ARG A 163 -6.10 3.12 32.56
C ARG A 163 -7.13 4.17 32.92
N LYS A 164 -6.77 5.43 32.65
CA LYS A 164 -7.63 6.57 32.89
C LYS A 164 -7.86 7.32 31.60
N GLU A 165 -8.98 8.02 31.54
CA GLU A 165 -9.43 8.74 30.37
C GLU A 165 -8.50 9.93 29.98
N ILE A 166 -8.27 10.11 28.68
CA ILE A 166 -7.53 11.27 28.18
C ILE A 166 -8.54 12.29 27.69
N LYS A 167 -8.71 13.35 28.47
CA LYS A 167 -9.67 14.39 28.16
C LYS A 167 -9.02 15.65 27.62
N SER A 168 -7.76 15.88 27.99
CA SER A 168 -7.06 17.09 27.56
C SER A 168 -5.57 16.85 27.63
N THR A 169 -4.78 17.80 27.14
CA THR A 169 -3.35 17.62 27.13
C THR A 169 -2.80 17.56 28.55
N ALA A 170 -3.55 18.13 29.49
CA ALA A 170 -3.16 18.07 30.90
C ALA A 170 -3.05 16.64 31.40
N ASP A 171 -3.88 15.76 30.86
CA ASP A 171 -3.88 14.36 31.26
C ASP A 171 -2.62 13.62 30.84
N LEU A 172 -1.86 14.18 29.90
CA LEU A 172 -0.59 13.58 29.49
C LEU A 172 0.55 13.92 30.46
N ASN A 173 0.38 14.96 31.25
CA ASN A 173 1.46 15.44 32.08
C ASN A 173 1.70 14.48 33.23
N GLY A 174 2.91 13.92 33.30
CA GLY A 174 3.24 12.93 34.32
C GLY A 174 2.88 11.50 33.94
N LEU A 175 2.36 11.29 32.73
CA LEU A 175 1.95 9.95 32.34
C LEU A 175 3.15 9.05 32.08
N ASN A 176 3.14 7.88 32.69
CA ASN A 176 4.09 6.83 32.39
C ASN A 176 3.53 6.02 31.22
N MET A 177 4.14 6.12 30.05
CA MET A 177 3.58 5.47 28.85
C MET A 177 4.59 4.60 28.16
N ARG A 178 4.22 3.35 27.92
CA ARG A 178 4.99 2.52 27.00
C ARG A 178 4.69 2.95 25.57
N ILE A 179 5.73 3.28 24.81
CA ILE A 179 5.57 3.73 23.43
C ILE A 179 6.88 3.50 22.71
N GLY A 180 6.76 2.93 21.50
CA GLY A 180 7.93 2.68 20.68
C GLY A 180 8.08 3.83 19.71
N GLY A 181 9.32 4.11 19.32
CA GLY A 181 9.56 5.04 18.23
C GLY A 181 9.65 6.50 18.65
N ILE A 182 9.72 7.36 17.64
CA ILE A 182 9.98 8.78 17.81
C ILE A 182 8.87 9.54 18.58
N GLY A 183 7.66 8.98 18.61
CA GLY A 183 6.55 9.60 19.31
C GLY A 183 6.78 9.75 20.83
N GLY A 184 7.60 8.89 21.42
CA GLY A 184 7.96 9.07 22.83
C GLY A 184 8.70 10.37 23.07
N MET A 185 9.57 10.74 22.14
CA MET A 185 10.33 11.97 22.23
C MET A 185 9.41 13.17 22.04
N VAL A 186 8.42 13.05 21.16
CA VAL A 186 7.40 14.09 21.03
C VAL A 186 6.59 14.25 22.32
N LEU A 187 6.06 13.15 22.83
CA LEU A 187 5.23 13.20 24.03
C LEU A 187 5.97 13.68 25.27
N SER A 188 7.29 13.50 25.29
N SER A 188 7.29 13.47 25.31
CA SER A 188 8.11 13.98 26.41
CA SER A 188 8.10 13.99 26.41
C SER A 188 8.03 15.51 26.56
C SER A 188 7.90 15.50 26.57
N LYS A 189 7.72 16.20 25.46
CA LYS A 189 7.55 17.64 25.50
C LYS A 189 6.28 18.05 26.24
N LEU A 190 5.34 17.13 26.38
CA LEU A 190 4.08 17.39 27.05
C LEU A 190 4.02 16.71 28.40
N GLY A 191 5.18 16.27 28.88
CA GLY A 191 5.28 15.75 30.23
C GLY A 191 5.18 14.23 30.36
N VAL A 192 5.04 13.53 29.24
CA VAL A 192 4.97 12.07 29.30
C VAL A 192 6.35 11.53 29.57
N VAL A 193 6.41 10.45 30.35
CA VAL A 193 7.66 9.72 30.53
C VAL A 193 7.55 8.43 29.72
N PRO A 194 8.24 8.36 28.56
CA PRO A 194 8.09 7.22 27.66
C PRO A 194 9.08 6.12 27.95
N GLN A 195 8.69 4.88 27.64
CA GLN A 195 9.59 3.73 27.72
C GLN A 195 9.35 2.80 26.54
N GLN A 196 10.41 2.35 25.87
CA GLN A 196 10.27 1.39 24.76
C GLN A 196 10.35 -0.06 25.27
N ILE A 197 9.40 -0.44 26.13
CA ILE A 197 9.37 -1.77 26.77
C ILE A 197 9.07 -2.80 25.68
N PRO A 198 9.86 -3.89 25.59
CA PRO A 198 9.56 -4.91 24.57
C PRO A 198 8.14 -5.48 24.66
N PRO A 199 7.55 -5.90 23.52
CA PRO A 199 6.13 -6.25 23.48
C PRO A 199 5.67 -7.27 24.51
N GLY A 200 6.45 -8.32 24.73
CA GLY A 200 6.09 -9.37 25.68
C GLY A 200 6.14 -8.95 27.14
N ASP A 201 6.69 -7.77 27.41
CA ASP A 201 6.86 -7.26 28.78
C ASP A 201 5.90 -6.12 29.10
N ILE A 202 5.04 -5.76 28.13
CA ILE A 202 4.14 -4.62 28.32
C ILE A 202 3.00 -4.94 29.30
N TYR A 203 2.40 -6.11 29.12
CA TYR A 203 1.19 -6.45 29.85
C TYR A 203 1.40 -6.48 31.36
N PRO A 204 2.47 -7.15 31.83
CA PRO A 204 2.69 -7.18 33.29
C PRO A 204 2.90 -5.79 33.90
N ALA A 205 3.53 -4.89 33.14
CA ALA A 205 3.78 -3.53 33.62
C ALA A 205 2.46 -2.78 33.70
N LEU A 206 1.63 -2.96 32.67
CA LEU A 206 0.35 -2.30 32.65
C LEU A 206 -0.56 -2.87 33.73
N GLU A 207 -0.49 -4.19 33.92
CA GLU A 207 -1.28 -4.87 34.94
C GLU A 207 -0.88 -4.42 36.35
N LYS A 208 0.43 -4.31 36.58
CA LYS A 208 0.93 -3.92 37.91
C LYS A 208 0.73 -2.44 38.19
N GLY A 209 0.72 -1.64 37.13
CA GLY A 209 0.55 -0.21 37.27
C GLY A 209 1.85 0.56 37.27
N THR A 210 2.95 -0.08 36.88
CA THR A 210 4.24 0.64 36.79
C THR A 210 4.23 1.53 35.54
N ILE A 211 3.33 1.24 34.61
CA ILE A 211 2.98 2.22 33.57
C ILE A 211 1.49 2.50 33.63
N ASP A 212 1.10 3.70 33.15
CA ASP A 212 -0.28 4.16 33.16
C ASP A 212 -0.99 3.86 31.82
N ALA A 213 -0.19 3.60 30.80
CA ALA A 213 -0.70 3.51 29.44
C ALA A 213 0.31 2.79 28.58
N ALA A 214 -0.16 2.21 27.48
CA ALA A 214 0.73 1.50 26.60
C ALA A 214 0.15 1.52 25.19
N GLU A 215 0.99 1.88 24.23
CA GLU A 215 0.67 1.61 22.83
C GLU A 215 1.59 0.51 22.34
N TRP A 216 1.06 -0.35 21.46
CA TRP A 216 1.87 -1.34 20.74
C TRP A 216 1.65 -1.13 19.24
N ILE A 217 0.59 -1.74 18.69
CA ILE A 217 0.34 -1.56 17.25
C ILE A 217 -1.12 -1.37 16.83
N GLY A 218 -2.00 -2.27 17.24
CA GLY A 218 -3.37 -2.24 16.75
C GLY A 218 -4.19 -3.40 17.25
N PRO A 219 -5.43 -3.50 16.75
CA PRO A 219 -6.39 -4.42 17.39
C PRO A 219 -5.95 -5.88 17.44
N TYR A 220 -5.46 -6.43 16.34
CA TYR A 220 -5.09 -7.83 16.34
C TYR A 220 -3.96 -8.16 17.31
N ASP A 221 -2.83 -7.45 17.19
CA ASP A 221 -1.71 -7.73 18.09
C ASP A 221 -2.07 -7.39 19.53
N ASP A 222 -2.75 -6.27 19.74
CA ASP A 222 -3.02 -5.77 21.09
C ASP A 222 -3.91 -6.77 21.82
N GLU A 223 -4.90 -7.29 21.11
CA GLU A 223 -5.81 -8.29 21.70
C GLU A 223 -5.00 -9.53 22.10
N LYS A 224 -4.07 -9.93 21.24
CA LYS A 224 -3.25 -11.10 21.51
C LYS A 224 -2.41 -10.90 22.77
N LEU A 225 -1.84 -9.71 22.91
CA LEU A 225 -0.99 -9.40 24.05
C LEU A 225 -1.79 -9.12 25.31
N GLY A 226 -3.08 -8.85 25.18
CA GLY A 226 -3.98 -8.85 26.33
C GLY A 226 -4.28 -7.52 27.00
N PHE A 227 -3.94 -6.39 26.37
CA PHE A 227 -4.00 -5.10 27.07
C PHE A 227 -5.42 -4.70 27.46
N ASN A 228 -6.42 -5.17 26.70
CA ASN A 228 -7.82 -4.85 27.02
C ASN A 228 -8.26 -5.41 28.35
N LYS A 229 -7.54 -6.41 28.82
CA LYS A 229 -7.86 -7.01 30.11
C LYS A 229 -7.54 -6.06 31.28
N VAL A 230 -6.63 -5.09 31.06
CA VAL A 230 -6.15 -4.26 32.16
C VAL A 230 -6.25 -2.74 31.95
N ALA A 231 -6.75 -2.30 30.80
CA ALA A 231 -6.96 -0.87 30.54
C ALA A 231 -8.27 -0.72 29.78
N PRO A 232 -9.18 0.12 30.27
CA PRO A 232 -10.48 0.15 29.60
C PRO A 232 -10.53 0.96 28.33
N TYR A 233 -9.63 1.95 28.19
CA TYR A 233 -9.77 2.95 27.12
C TYR A 233 -8.75 2.75 26.02
N TYR A 234 -9.25 2.74 24.78
CA TYR A 234 -8.47 2.50 23.58
C TYR A 234 -8.65 3.69 22.69
N TYR A 235 -7.60 4.47 22.47
CA TYR A 235 -7.75 5.69 21.67
C TYR A 235 -7.22 5.52 20.24
N SER A 236 -7.69 6.42 19.38
CA SER A 236 -7.23 6.52 18.01
C SER A 236 -7.09 8.00 17.61
N PRO A 237 -6.18 8.30 16.67
CA PRO A 237 -5.24 7.41 16.00
C PRO A 237 -3.85 7.47 16.59
N GLY A 238 -3.04 6.47 16.26
CA GLY A 238 -1.64 6.46 16.62
C GLY A 238 -0.85 7.36 15.68
N TRP A 239 -0.90 8.65 15.97
CA TRP A 239 -0.17 9.67 15.20
C TRP A 239 1.36 9.49 15.26
N PHE A 240 1.81 8.64 16.19
CA PHE A 240 3.22 8.43 16.49
C PHE A 240 4.12 8.25 15.30
N GLU A 241 3.59 7.59 14.26
CA GLU A 241 4.24 7.44 12.96
C GLU A 241 3.13 7.56 11.95
N GLY A 242 3.40 8.16 10.79
CA GLY A 242 2.42 8.13 9.72
C GLY A 242 2.15 6.71 9.26
N SER A 243 3.18 5.88 9.40
CA SER A 243 3.07 4.43 9.25
C SER A 243 4.30 3.89 9.95
N ALA A 244 4.20 2.76 10.65
CA ALA A 244 5.40 2.19 11.25
C ALA A 244 6.01 1.18 10.28
N SER A 245 7.07 1.62 9.62
CA SER A 245 7.79 0.77 8.67
C SER A 245 8.80 -0.10 9.41
N ILE A 246 8.98 -1.34 8.93
CA ILE A 246 9.84 -2.34 9.53
C ILE A 246 11.08 -2.55 8.67
N THR A 247 12.22 -2.72 9.32
CA THR A 247 13.52 -2.80 8.65
C THR A 247 14.25 -4.10 8.94
N SER A 248 14.94 -4.61 7.93
CA SER A 248 15.94 -5.62 8.16
C SER A 248 17.28 -4.99 7.92
N MET A 249 18.02 -4.82 9.02
CA MET A 249 19.40 -4.37 8.96
C MET A 249 20.29 -5.57 8.69
N VAL A 250 21.14 -5.45 7.69
CA VAL A 250 22.08 -6.53 7.33
C VAL A 250 23.50 -6.07 7.52
N ASN A 251 24.34 -6.94 8.07
CA ASN A 251 25.74 -6.62 8.26
C ASN A 251 26.43 -6.40 6.91
N ASP A 252 27.22 -5.33 6.77
CA ASP A 252 27.75 -4.98 5.44
C ASP A 252 28.65 -6.08 4.88
N LYS A 253 29.46 -6.71 5.71
CA LYS A 253 30.33 -7.77 5.22
C LYS A 253 29.53 -9.02 4.84
N ALA A 254 28.53 -9.37 5.64
CA ALA A 254 27.64 -10.49 5.31
C ALA A 254 26.96 -10.24 3.97
N TRP A 255 26.50 -9.01 3.79
CA TRP A 255 25.82 -8.64 2.56
C TRP A 255 26.74 -8.71 1.35
N GLU A 256 27.95 -8.16 1.48
CA GLU A 256 28.90 -8.14 0.38
C GLU A 256 29.33 -9.55 0.00
N ALA A 257 29.31 -10.45 0.96
CA ALA A 257 29.72 -11.84 0.74
C ALA A 257 28.72 -12.66 -0.09
N LEU A 258 27.49 -12.15 -0.23
CA LEU A 258 26.46 -12.88 -0.97
C LEU A 258 26.70 -12.85 -2.48
N PRO A 259 26.37 -13.95 -3.17
CA PRO A 259 26.31 -13.87 -4.63
C PRO A 259 25.12 -13.02 -5.09
N PRO A 260 25.18 -12.48 -6.31
CA PRO A 260 24.10 -11.60 -6.78
C PRO A 260 22.71 -12.24 -6.73
N ALA A 261 22.57 -13.54 -6.99
CA ALA A 261 21.24 -14.14 -6.94
C ALA A 261 20.69 -14.13 -5.52
N TYR A 262 21.58 -14.26 -4.53
CA TYR A 262 21.14 -14.28 -3.14
C TYR A 262 20.82 -12.87 -2.67
N GLN A 263 21.53 -11.86 -3.15
CA GLN A 263 21.20 -10.49 -2.78
C GLN A 263 19.81 -10.16 -3.34
N ALA A 264 19.57 -10.58 -4.58
CA ALA A 264 18.27 -10.38 -5.21
C ALA A 264 17.16 -11.12 -4.46
N ALA A 265 17.46 -12.31 -3.97
CA ALA A 265 16.45 -13.06 -3.24
C ALA A 265 16.05 -12.31 -1.98
N PHE A 266 17.04 -11.73 -1.29
CA PHE A 266 16.74 -11.00 -0.06
C PHE A 266 15.95 -9.73 -0.37
N GLU A 267 16.37 -9.00 -1.40
CA GLU A 267 15.68 -7.78 -1.81
C GLU A 267 14.23 -8.06 -2.19
N ALA A 268 14.06 -9.09 -3.00
CA ALA A 268 12.73 -9.44 -3.51
C ALA A 268 11.83 -9.87 -2.36
N ALA A 269 12.37 -10.65 -1.44
CA ALA A 269 11.58 -11.11 -0.30
C ALA A 269 11.16 -9.93 0.59
N CYS A 270 12.08 -8.99 0.80
CA CYS A 270 11.77 -7.79 1.56
C CYS A 270 10.71 -6.91 0.87
N GLY A 271 10.85 -6.75 -0.44
CA GLY A 271 9.89 -5.97 -1.23
C GLY A 271 8.52 -6.61 -1.16
N GLU A 272 8.48 -7.93 -1.27
CA GLU A 272 7.23 -8.65 -1.17
C GLU A 272 6.62 -8.52 0.22
N GLN A 273 7.42 -8.62 1.28
CA GLN A 273 6.84 -8.49 2.60
C GLN A 273 6.41 -7.04 2.90
N SER A 274 7.00 -6.06 2.19
CA SER A 274 6.55 -4.68 2.32
C SER A 274 5.08 -4.57 1.92
N MET A 275 4.60 -5.45 1.05
CA MET A 275 3.17 -5.57 0.80
C MET A 275 2.45 -6.56 1.72
N ARG A 276 3.04 -7.72 1.96
CA ARG A 276 2.29 -8.82 2.60
C ARG A 276 2.07 -8.63 4.09
N MET A 277 3.04 -8.02 4.78
CA MET A 277 2.86 -7.86 6.23
C MET A 277 1.64 -6.98 6.47
N LEU A 278 1.56 -5.89 5.71
CA LEU A 278 0.47 -4.95 5.92
C LEU A 278 -0.85 -5.53 5.42
N ALA A 279 -0.80 -6.34 4.37
CA ALA A 279 -1.99 -7.03 3.89
C ALA A 279 -2.57 -7.92 4.98
N ASN A 280 -1.70 -8.55 5.77
CA ASN A 280 -2.15 -9.45 6.82
C ASN A 280 -2.78 -8.63 7.95
N TYR A 281 -2.11 -7.56 8.36
CA TYR A 281 -2.71 -6.65 9.34
C TYR A 281 -4.07 -6.13 8.88
N ASP A 282 -4.14 -5.66 7.64
CA ASP A 282 -5.40 -5.11 7.16
C ASP A 282 -6.48 -6.18 7.19
N ALA A 283 -6.11 -7.42 6.89
CA ALA A 283 -7.08 -8.51 6.84
C ALA A 283 -7.58 -8.88 8.23
N ARG A 284 -6.66 -8.86 9.21
CA ARG A 284 -6.96 -9.38 10.55
C ARG A 284 -7.48 -8.35 11.56
N ASN A 285 -7.11 -7.08 11.39
CA ASN A 285 -7.47 -6.05 12.38
C ASN A 285 -8.99 -5.83 12.56
N PRO A 286 -9.80 -5.88 11.49
CA PRO A 286 -11.22 -5.55 11.74
C PRO A 286 -11.96 -6.49 12.69
N LEU A 287 -11.78 -7.80 12.54
CA LEU A 287 -12.44 -8.76 13.41
C LEU A 287 -11.90 -8.58 14.82
N ALA A 288 -10.61 -8.27 14.93
CA ALA A 288 -10.04 -8.11 16.27
C ALA A 288 -10.65 -6.90 16.97
N LEU A 289 -10.90 -5.83 16.24
CA LEU A 289 -11.46 -4.63 16.87
C LEU A 289 -12.90 -4.93 17.30
N ARG A 290 -13.61 -5.66 16.46
CA ARG A 290 -14.98 -6.05 16.79
C ARG A 290 -15.01 -6.83 18.08
N LYS A 291 -14.09 -7.78 18.21
CA LYS A 291 -13.99 -8.60 19.40
C LYS A 291 -13.67 -7.74 20.61
N LEU A 292 -12.77 -6.77 20.44
CA LEU A 292 -12.36 -5.93 21.56
C LEU A 292 -13.52 -5.12 22.08
N ILE A 293 -14.30 -4.56 21.18
CA ILE A 293 -15.45 -3.75 21.54
C ILE A 293 -16.53 -4.62 22.21
N ALA A 294 -16.73 -5.82 21.68
CA ALA A 294 -17.75 -6.72 22.22
C ALA A 294 -17.37 -7.10 23.63
N GLY A 295 -16.06 -7.19 23.87
CA GLY A 295 -15.55 -7.54 25.19
C GLY A 295 -15.51 -6.39 26.18
N GLY A 296 -15.86 -5.18 25.74
CA GLY A 296 -15.99 -4.06 26.66
C GLY A 296 -15.02 -2.91 26.44
N ALA A 297 -14.14 -3.00 25.45
CA ALA A 297 -13.20 -1.92 25.22
C ALA A 297 -13.96 -0.68 24.81
N LYS A 298 -13.59 0.45 25.42
CA LYS A 298 -14.14 1.75 25.07
C LYS A 298 -13.20 2.46 24.08
N VAL A 299 -13.65 2.55 22.84
CA VAL A 299 -12.82 3.04 21.75
C VAL A 299 -13.27 4.46 21.37
N SER A 300 -12.34 5.40 21.33
CA SER A 300 -12.71 6.75 20.91
C SER A 300 -11.51 7.50 20.38
N PHE A 301 -11.81 8.64 19.79
CA PHE A 301 -10.78 9.48 19.21
C PHE A 301 -10.13 10.32 20.30
N PHE A 302 -8.83 10.57 20.17
CA PHE A 302 -8.20 11.60 20.99
C PHE A 302 -8.94 12.91 20.79
N PRO A 303 -9.05 13.73 21.85
CA PRO A 303 -9.66 15.05 21.67
C PRO A 303 -8.85 15.91 20.71
N LYS A 304 -9.54 16.78 19.97
CA LYS A 304 -8.87 17.66 19.03
C LYS A 304 -7.75 18.45 19.68
N GLU A 305 -7.95 18.90 20.93
CA GLU A 305 -6.96 19.70 21.62
C GLU A 305 -5.68 18.90 21.81
N VAL A 306 -5.83 17.59 22.05
CA VAL A 306 -4.69 16.73 22.22
C VAL A 306 -3.99 16.52 20.88
N MET A 307 -4.75 16.26 19.82
CA MET A 307 -4.17 16.07 18.51
C MET A 307 -3.38 17.30 18.08
N ASP A 308 -3.97 18.47 18.29
CA ASP A 308 -3.28 19.69 17.87
C ASP A 308 -1.98 19.91 18.68
N ALA A 309 -1.99 19.60 19.98
CA ALA A 309 -0.80 19.77 20.79
C ALA A 309 0.32 18.82 20.40
N VAL A 310 -0.01 17.56 20.10
CA VAL A 310 1.05 16.63 19.76
C VAL A 310 1.54 16.90 18.33
N TYR A 311 0.68 17.44 17.48
CA TYR A 311 1.12 17.88 16.15
C TYR A 311 2.11 19.05 16.27
N LYS A 312 1.76 20.05 17.07
CA LYS A 312 2.63 21.18 17.28
C LYS A 312 3.97 20.75 17.89
N ALA A 313 3.92 19.84 18.87
CA ALA A 313 5.13 19.33 19.50
C ALA A 313 6.02 18.59 18.51
N SER A 314 5.40 17.87 17.58
CA SER A 314 6.13 17.15 16.54
C SER A 314 6.96 18.08 15.69
N GLN A 315 6.31 19.16 15.23
CA GLN A 315 6.96 20.10 14.34
C GLN A 315 8.11 20.79 15.06
N GLN A 316 7.91 21.12 16.34
CA GLN A 316 8.99 21.69 17.13
C GLN A 316 10.15 20.72 17.24
N LEU A 317 9.85 19.44 17.42
CA LEU A 317 10.91 18.45 17.54
C LEU A 317 11.75 18.37 16.28
N TRP A 318 11.12 18.43 15.11
CA TRP A 318 11.92 18.36 13.90
C TRP A 318 12.90 19.52 13.80
N THR A 319 12.47 20.70 14.22
CA THR A 319 13.34 21.87 14.20
C THR A 319 14.54 21.63 15.12
N GLU A 320 14.25 21.07 16.29
CA GLU A 320 15.27 20.81 17.27
C GLU A 320 16.26 19.74 16.79
N LEU A 321 15.75 18.67 16.18
CA LEU A 321 16.61 17.58 15.71
C LEU A 321 17.43 18.02 14.51
N SER A 322 16.86 18.88 13.67
CA SER A 322 17.61 19.42 12.54
C SER A 322 18.82 20.22 13.04
N GLU A 323 18.60 21.00 14.08
CA GLU A 323 19.66 21.85 14.61
C GLU A 323 20.71 21.06 15.36
N LYS A 324 20.32 19.94 15.97
CA LYS A 324 21.22 19.17 16.81
C LYS A 324 21.94 18.05 16.07
N ASN A 325 21.32 17.51 15.03
CA ASN A 325 21.83 16.34 14.36
C ASN A 325 22.00 16.56 12.87
N PRO A 326 23.25 16.70 12.39
CA PRO A 326 23.47 16.97 10.97
C PRO A 326 22.86 15.90 10.06
N ASP A 327 22.77 14.68 10.56
CA ASP A 327 22.23 13.57 9.75
C ASP A 327 20.73 13.76 9.53
N PHE A 328 20.05 14.29 10.54
CA PHE A 328 18.63 14.63 10.43
C PHE A 328 18.45 15.83 9.49
N LYS A 329 19.23 16.88 9.71
CA LYS A 329 19.18 18.05 8.85
C LYS A 329 19.42 17.73 7.37
N ALA A 330 20.26 16.74 7.10
CA ALA A 330 20.60 16.41 5.71
C ALA A 330 19.37 15.89 4.95
N ILE A 331 18.52 15.19 5.68
CA ILE A 331 17.39 14.50 5.04
C ILE A 331 16.10 15.29 5.09
N TYR A 332 15.90 16.06 6.16
CA TYR A 332 14.56 16.59 6.45
C TYR A 332 13.98 17.52 5.35
N PRO A 333 14.77 18.47 4.81
CA PRO A 333 14.12 19.40 3.86
C PRO A 333 13.53 18.69 2.65
N GLY A 334 14.29 17.73 2.08
CA GLY A 334 13.80 16.98 0.93
C GLY A 334 12.63 16.07 1.28
N TRP A 335 12.68 15.46 2.45
CA TRP A 335 11.59 14.62 2.94
C TRP A 335 10.29 15.45 3.11
N LYS A 336 10.44 16.65 3.63
CA LYS A 336 9.27 17.49 3.89
C LYS A 336 8.62 17.91 2.58
N LYS A 337 9.44 18.30 1.59
CA LYS A 337 8.91 18.61 0.26
C LYS A 337 8.20 17.40 -0.33
N PHE A 338 8.77 16.21 -0.17
CA PHE A 338 8.11 14.99 -0.65
C PHE A 338 6.75 14.79 0.04
N GLN A 339 6.67 15.00 1.37
CA GLN A 339 5.37 14.91 2.02
C GLN A 339 4.36 15.95 1.53
N GLU A 340 4.82 17.17 1.32
CA GLU A 340 3.94 18.20 0.79
C GLU A 340 3.38 17.79 -0.57
N ASP A 341 4.23 17.29 -1.45
CA ASP A 341 3.75 16.86 -2.78
C ASP A 341 2.79 15.66 -2.66
N GLU A 342 3.14 14.68 -1.81
CA GLU A 342 2.32 13.50 -1.67
C GLU A 342 0.96 13.79 -1.08
N ALA A 343 0.95 14.53 0.03
CA ALA A 343 -0.32 14.86 0.68
C ALA A 343 -1.21 15.65 -0.30
N GLY A 344 -0.63 16.61 -1.04
CA GLY A 344 -1.39 17.42 -1.97
C GLY A 344 -2.05 16.57 -3.04
N TRP A 345 -1.27 15.63 -3.58
CA TRP A 345 -1.80 14.72 -4.61
C TRP A 345 -2.88 13.79 -4.01
N PHE A 346 -2.61 13.21 -2.85
CA PHE A 346 -3.57 12.27 -2.29
C PHE A 346 -4.88 12.95 -1.93
N ARG A 347 -4.85 14.25 -1.63
CA ARG A 347 -6.11 14.96 -1.36
C ARG A 347 -6.95 15.11 -2.64
N VAL A 348 -6.30 15.12 -3.79
CA VAL A 348 -6.99 15.31 -5.07
C VAL A 348 -7.81 14.10 -5.49
N ALA A 349 -7.24 12.90 -5.37
CA ALA A 349 -7.89 11.71 -5.89
C ALA A 349 -8.01 10.60 -4.85
N GLU A 350 -6.89 10.08 -4.39
CA GLU A 350 -6.88 8.92 -3.50
C GLU A 350 -7.80 9.07 -2.29
N ASN A 351 -7.61 10.15 -1.54
CA ASN A 351 -8.39 10.33 -0.33
C ASN A 351 -9.78 10.86 -0.62
N ALA A 352 -9.96 11.53 -1.75
CA ALA A 352 -11.30 11.93 -2.18
C ALA A 352 -12.18 10.71 -2.42
N LEU A 353 -11.66 9.69 -3.10
CA LEU A 353 -12.44 8.49 -3.33
C LEU A 353 -12.60 7.69 -2.04
N ASP A 354 -11.53 7.50 -1.27
CA ASP A 354 -11.66 6.69 -0.05
C ASP A 354 -12.68 7.34 0.90
N ASN A 355 -12.63 8.66 1.06
CA ASN A 355 -13.58 9.31 1.95
C ASN A 355 -15.01 9.06 1.47
N TYR A 356 -15.21 9.14 0.16
CA TYR A 356 -16.55 8.91 -0.38
C TYR A 356 -16.99 7.45 -0.21
N THR A 357 -16.14 6.51 -0.59
CA THR A 357 -16.48 5.11 -0.52
C THR A 357 -16.69 4.60 0.90
N PHE A 358 -15.82 5.02 1.83
CA PHE A 358 -15.95 4.49 3.19
C PHE A 358 -17.27 4.94 3.79
N ALA A 359 -17.67 6.17 3.50
CA ALA A 359 -18.93 6.69 3.99
C ALA A 359 -20.11 5.99 3.32
N ALA A 360 -20.03 5.81 2.01
CA ALA A 360 -21.12 5.13 1.28
C ALA A 360 -21.30 3.70 1.76
N VAL A 361 -20.19 3.01 2.00
CA VAL A 361 -20.24 1.62 2.45
C VAL A 361 -20.88 1.58 3.84
N ALA A 362 -20.50 2.51 4.70
CA ALA A 362 -21.08 2.58 6.04
C ALA A 362 -22.59 2.87 5.97
N ARG A 363 -23.00 3.80 5.11
CA ARG A 363 -24.42 4.08 4.92
C ARG A 363 -25.16 2.85 4.42
N ALA A 364 -24.61 2.15 3.44
CA ALA A 364 -25.30 0.98 2.87
C ALA A 364 -25.45 -0.09 3.96
N GLN A 365 -24.42 -0.23 4.78
CA GLN A 365 -24.44 -1.22 5.85
C GLN A 365 -25.52 -0.85 6.86
N ALA A 366 -25.56 0.43 7.25
CA ALA A 366 -26.57 0.90 8.19
C ALA A 366 -27.96 0.70 7.64
N LYS A 367 -28.17 1.04 6.37
CA LYS A 367 -29.45 0.81 5.70
C LYS A 367 -29.88 -0.66 5.77
N ALA A 368 -28.97 -1.58 5.49
CA ALA A 368 -29.30 -2.99 5.54
C ALA A 368 -29.67 -3.43 6.96
N GLU A 369 -28.90 -2.94 7.93
CA GLU A 369 -29.11 -3.31 9.32
C GLU A 369 -30.47 -2.80 9.81
N ASN A 370 -30.95 -1.71 9.22
CA ASN A 370 -32.20 -1.10 9.64
C ASN A 370 -33.36 -1.45 8.71
N LEU A 371 -33.17 -2.41 7.83
CA LEU A 371 -34.19 -2.67 6.81
C LEU A 371 -35.37 -3.46 7.37
N TYR A 372 -35.19 -4.16 8.48
CA TYR A 372 -36.34 -4.74 9.16
C TYR A 372 -37.31 -3.62 9.53
N PRO B 31 18.15 -25.09 -15.34
CA PRO B 31 17.22 -25.22 -16.49
C PRO B 31 16.93 -23.87 -17.14
N THR B 32 17.15 -23.76 -18.43
CA THR B 32 16.91 -22.52 -19.16
C THR B 32 15.46 -22.54 -19.65
N VAL B 33 14.72 -21.53 -19.21
CA VAL B 33 13.31 -21.39 -19.54
C VAL B 33 13.13 -20.02 -20.18
N ARG B 34 12.53 -19.98 -21.35
CA ARG B 34 12.33 -18.73 -22.07
C ARG B 34 10.85 -18.47 -22.30
N TRP B 35 10.39 -17.35 -21.76
CA TRP B 35 9.00 -16.95 -21.85
C TRP B 35 8.87 -15.63 -22.54
N ARG B 36 7.74 -15.45 -23.22
CA ARG B 36 7.33 -14.16 -23.70
C ARG B 36 6.21 -13.67 -22.80
N MET B 37 6.30 -12.42 -22.38
CA MET B 37 5.24 -11.73 -21.67
C MET B 37 4.61 -10.66 -22.59
N SER B 38 3.38 -10.87 -23.00
CA SER B 38 2.70 -9.86 -23.79
C SER B 38 2.02 -8.87 -22.85
N THR B 39 2.53 -7.65 -22.79
CA THR B 39 1.86 -6.58 -22.04
C THR B 39 0.83 -5.86 -22.87
N SER B 40 0.06 -4.99 -22.21
CA SER B 40 -0.91 -4.16 -22.90
C SER B 40 -0.51 -2.70 -23.07
N TRP B 41 0.76 -2.37 -22.82
CA TRP B 41 1.15 -0.98 -22.61
C TRP B 41 2.25 -0.53 -23.56
N PRO B 42 2.31 0.77 -23.84
CA PRO B 42 3.43 1.35 -24.59
C PRO B 42 4.71 1.35 -23.75
N LYS B 43 5.88 1.13 -24.35
CA LYS B 43 7.15 1.22 -23.62
C LYS B 43 7.36 2.57 -22.98
N SER B 44 6.73 3.60 -23.52
CA SER B 44 6.93 4.95 -23.00
C SER B 44 6.42 5.13 -21.58
N LEU B 45 5.49 4.28 -21.15
CA LEU B 45 5.00 4.35 -19.77
C LEU B 45 5.98 3.64 -18.84
N ASP B 46 6.95 4.38 -18.31
CA ASP B 46 7.99 3.72 -17.53
C ASP B 46 7.50 3.40 -16.12
N THR B 47 6.25 3.77 -15.85
CA THR B 47 5.50 3.31 -14.70
C THR B 47 5.00 1.89 -14.91
N ILE B 48 3.88 1.71 -15.62
CA ILE B 48 3.26 0.39 -15.70
C ILE B 48 4.09 -0.58 -16.57
N TYR B 49 4.56 -0.13 -17.74
CA TYR B 49 5.44 -0.97 -18.54
C TYR B 49 6.80 -1.16 -17.85
N GLY B 50 7.34 -0.11 -17.25
CA GLY B 50 8.60 -0.24 -16.55
C GLY B 50 8.51 -1.29 -15.45
N SER B 51 7.35 -1.39 -14.80
CA SER B 51 7.15 -2.42 -13.78
C SER B 51 7.18 -3.83 -14.39
N ALA B 52 6.56 -4.02 -15.54
CA ALA B 52 6.67 -5.29 -16.23
C ALA B 52 8.14 -5.62 -16.50
N ASP B 53 8.92 -4.64 -16.96
CA ASP B 53 10.35 -4.86 -17.20
C ASP B 53 11.09 -5.22 -15.92
N GLU B 54 10.80 -4.51 -14.85
CA GLU B 54 11.41 -4.78 -13.54
C GLU B 54 11.12 -6.22 -13.10
N LEU B 55 9.87 -6.63 -13.26
CA LEU B 55 9.42 -7.98 -12.92
C LEU B 55 10.27 -9.01 -13.64
N CYS B 56 10.36 -8.87 -14.97
CA CYS B 56 11.14 -9.78 -15.78
C CYS B 56 12.60 -9.74 -15.34
N LYS B 57 13.10 -8.53 -15.09
CA LYS B 57 14.50 -8.37 -14.73
C LYS B 57 14.77 -9.06 -13.38
N ARG B 58 13.83 -8.94 -12.46
CA ARG B 58 14.01 -9.54 -11.13
C ARG B 58 14.05 -11.06 -11.24
N VAL B 59 13.15 -11.62 -12.05
CA VAL B 59 13.10 -13.07 -12.24
C VAL B 59 14.44 -13.56 -12.80
N GLY B 60 15.02 -12.82 -13.74
CA GLY B 60 16.35 -13.13 -14.24
C GLY B 60 17.42 -13.13 -13.15
N GLN B 61 17.45 -12.08 -12.34
CA GLN B 61 18.40 -12.01 -11.23
C GLN B 61 18.26 -13.19 -10.30
N LEU B 62 17.02 -13.54 -9.99
CA LEU B 62 16.75 -14.58 -9.00
C LEU B 62 17.21 -15.96 -9.47
N THR B 63 17.37 -16.09 -10.78
CA THR B 63 17.64 -17.39 -11.39
C THR B 63 18.96 -17.37 -12.17
N ASP B 64 19.80 -16.38 -11.90
CA ASP B 64 21.06 -16.21 -12.63
C ASP B 64 20.87 -16.29 -14.14
N GLY B 65 19.81 -15.66 -14.63
CA GLY B 65 19.60 -15.52 -16.05
C GLY B 65 18.90 -16.69 -16.70
N LYS B 66 18.70 -17.76 -15.93
CA LYS B 66 18.13 -19.01 -16.45
C LYS B 66 16.66 -18.94 -16.82
N PHE B 67 15.88 -18.25 -16.00
CA PHE B 67 14.47 -18.03 -16.28
C PHE B 67 14.35 -16.66 -16.91
N GLU B 68 14.28 -16.65 -18.23
CA GLU B 68 14.30 -15.44 -19.03
C GLU B 68 12.90 -15.13 -19.52
N ILE B 69 12.33 -14.03 -19.05
CA ILE B 69 11.04 -13.55 -19.53
C ILE B 69 11.29 -12.23 -20.23
N ARG B 70 10.82 -12.14 -21.47
CA ARG B 70 10.95 -10.92 -22.24
C ARG B 70 9.58 -10.27 -22.36
N ALA B 71 9.50 -9.00 -21.96
CA ALA B 71 8.26 -8.27 -22.07
C ALA B 71 8.16 -7.61 -23.43
N PHE B 72 6.94 -7.56 -23.95
CA PHE B 72 6.64 -6.90 -25.21
C PHE B 72 5.55 -5.86 -25.04
N PRO B 73 5.69 -4.71 -25.68
CA PRO B 73 4.66 -3.68 -25.58
C PRO B 73 3.33 -4.09 -26.18
N GLY B 74 2.27 -3.39 -25.78
CA GLY B 74 0.95 -3.63 -26.29
C GLY B 74 0.89 -3.60 -27.82
N GLY B 75 0.26 -4.62 -28.38
CA GLY B 75 0.10 -4.72 -29.82
C GLY B 75 1.27 -5.34 -30.57
N GLU B 76 2.42 -5.48 -29.95
CA GLU B 76 3.58 -6.02 -30.67
C GLU B 76 3.44 -7.52 -31.04
N LEU B 77 3.09 -8.38 -30.10
CA LEU B 77 2.90 -9.81 -30.42
C LEU B 77 1.46 -10.07 -30.89
N VAL B 78 0.51 -9.63 -30.09
CA VAL B 78 -0.91 -9.69 -30.45
C VAL B 78 -1.56 -8.38 -30.03
N PRO B 79 -2.72 -8.03 -30.62
CA PRO B 79 -3.48 -6.89 -30.09
C PRO B 79 -3.76 -7.10 -28.59
N SER B 80 -3.75 -6.04 -27.79
CA SER B 80 -3.94 -6.26 -26.36
C SER B 80 -5.31 -6.83 -26.03
N ALA B 81 -6.30 -6.57 -26.90
CA ALA B 81 -7.62 -7.18 -26.76
C ALA B 81 -7.54 -8.70 -26.77
N GLN B 82 -6.48 -9.24 -27.36
CA GLN B 82 -6.27 -10.69 -27.44
C GLN B 82 -5.35 -11.25 -26.35
N ASN B 83 -4.84 -10.40 -25.44
CA ASN B 83 -3.84 -10.88 -24.49
C ASN B 83 -4.30 -12.00 -23.56
N MET B 84 -5.58 -12.04 -23.21
CA MET B 84 -6.04 -13.13 -22.35
C MET B 84 -6.14 -14.42 -23.17
N ASP B 85 -6.74 -14.34 -24.35
CA ASP B 85 -6.90 -15.54 -25.17
C ASP B 85 -5.56 -16.09 -25.62
N ALA B 86 -4.60 -15.20 -25.87
CA ALA B 86 -3.28 -15.62 -26.33
C ALA B 86 -2.55 -16.43 -25.26
N VAL B 87 -2.85 -16.15 -24.00
CA VAL B 87 -2.32 -16.92 -22.88
C VAL B 87 -3.10 -18.24 -22.74
N SER B 88 -4.42 -18.17 -22.79
CA SER B 88 -5.26 -19.37 -22.67
C SER B 88 -4.90 -20.43 -23.69
N ASN B 89 -4.60 -20.02 -24.93
CA ASN B 89 -4.35 -21.01 -25.97
C ASN B 89 -2.85 -21.23 -26.20
N GLY B 90 -2.04 -20.62 -25.35
CA GLY B 90 -0.63 -20.96 -25.29
C GLY B 90 0.24 -20.27 -26.31
N THR B 91 -0.30 -19.27 -26.99
CA THR B 91 0.46 -18.49 -27.96
C THR B 91 1.61 -17.74 -27.27
N VAL B 92 1.34 -17.18 -26.09
CA VAL B 92 2.38 -16.65 -25.21
C VAL B 92 2.25 -17.30 -23.84
N GLU B 93 3.34 -17.33 -23.08
CA GLU B 93 3.34 -17.95 -21.77
C GLU B 93 2.61 -17.12 -20.72
N CYS B 94 2.67 -15.80 -20.84
CA CYS B 94 2.05 -14.94 -19.85
C CYS B 94 1.79 -13.56 -20.41
N ASN B 95 1.03 -12.76 -19.67
CA ASN B 95 0.73 -11.40 -20.09
C ASN B 95 0.84 -10.43 -18.92
N HIS B 96 0.49 -9.18 -19.16
CA HIS B 96 0.63 -8.15 -18.15
C HIS B 96 -0.47 -7.19 -18.52
N VAL B 97 -1.60 -7.27 -17.81
CA VAL B 97 -2.87 -6.74 -18.28
C VAL B 97 -3.77 -6.14 -17.21
N LEU B 98 -4.74 -5.37 -17.66
CA LEU B 98 -5.93 -5.03 -16.90
C LEU B 98 -6.98 -6.10 -17.18
N SER B 99 -7.23 -7.01 -16.23
CA SER B 99 -8.10 -8.14 -16.54
C SER B 99 -9.49 -7.74 -17.00
N THR B 100 -10.02 -6.58 -16.57
CA THR B 100 -11.35 -6.20 -17.00
C THR B 100 -11.38 -5.57 -18.40
N MET B 101 -10.26 -5.54 -19.09
CA MET B 101 -10.33 -5.36 -20.55
C MET B 101 -11.15 -6.51 -21.12
N TYR B 102 -11.20 -7.63 -20.40
CA TYR B 102 -11.82 -8.87 -20.91
C TYR B 102 -13.17 -9.21 -20.21
N ILE B 103 -13.89 -8.19 -19.75
CA ILE B 103 -15.19 -8.43 -19.11
C ILE B 103 -16.20 -9.02 -20.11
N GLY B 104 -15.97 -8.81 -21.40
CA GLY B 104 -16.81 -9.43 -22.42
C GLY B 104 -16.76 -10.95 -22.34
N LYS B 105 -15.67 -11.47 -21.82
CA LYS B 105 -15.53 -12.90 -21.63
C LYS B 105 -16.19 -13.38 -20.34
N ASN B 106 -15.93 -12.68 -19.24
CA ASN B 106 -16.55 -13.02 -17.95
C ASN B 106 -16.49 -11.80 -17.06
N THR B 107 -17.65 -11.32 -16.61
CA THR B 107 -17.65 -10.12 -15.83
C THR B 107 -17.11 -10.36 -14.41
N ALA B 108 -16.99 -11.63 -13.97
CA ALA B 108 -16.44 -11.91 -12.64
C ALA B 108 -14.95 -11.57 -12.58
N LEU B 109 -14.34 -11.35 -13.74
CA LEU B 109 -12.96 -10.87 -13.72
C LEU B 109 -12.82 -9.53 -13.00
N THR B 110 -13.93 -8.82 -12.79
CA THR B 110 -13.84 -7.54 -12.11
C THR B 110 -13.38 -7.65 -10.68
N PHE B 111 -13.50 -8.83 -10.07
CA PHE B 111 -13.00 -8.96 -8.71
C PHE B 111 -11.45 -8.94 -8.67
N ASP B 112 -10.82 -9.34 -9.76
CA ASP B 112 -9.37 -9.34 -9.89
C ASP B 112 -8.84 -7.89 -10.03
N THR B 113 -9.35 -7.17 -11.01
CA THR B 113 -8.91 -5.79 -11.25
C THR B 113 -9.40 -4.80 -10.20
N GLY B 114 -10.67 -4.90 -9.85
CA GLY B 114 -11.33 -3.97 -8.94
C GLY B 114 -12.75 -3.65 -9.39
N LEU B 115 -13.64 -3.49 -8.41
CA LEU B 115 -14.98 -2.98 -8.66
C LEU B 115 -15.02 -1.45 -8.52
N SER B 116 -15.90 -0.83 -9.28
CA SER B 116 -16.21 0.59 -9.08
C SER B 116 -16.60 0.83 -7.61
N PHE B 117 -16.07 1.91 -7.02
CA PHE B 117 -16.20 2.20 -5.60
C PHE B 117 -15.80 1.00 -4.74
N GLY B 118 -14.81 0.25 -5.23
CA GLY B 118 -14.38 -0.97 -4.57
C GLY B 118 -13.28 -0.75 -3.55
N LEU B 119 -12.55 -1.83 -3.29
CA LEU B 119 -11.46 -1.81 -2.33
C LEU B 119 -10.35 -0.88 -2.76
N ASN B 120 -9.67 -0.22 -1.82
CA ASN B 120 -8.48 0.53 -2.22
C ASN B 120 -7.34 -0.45 -2.36
N ALA B 121 -6.18 0.03 -2.76
CA ALA B 121 -5.10 -0.89 -3.11
C ALA B 121 -4.72 -1.76 -1.92
N ARG B 122 -4.60 -1.15 -0.76
CA ARG B 122 -4.23 -1.92 0.43
C ARG B 122 -5.27 -3.01 0.71
N GLN B 123 -6.52 -2.62 0.69
CA GLN B 123 -7.61 -3.55 0.99
C GLN B 123 -7.69 -4.66 -0.04
N HIS B 124 -7.43 -4.30 -1.31
CA HIS B 124 -7.43 -5.30 -2.38
C HIS B 124 -6.33 -6.32 -2.17
N ASN B 125 -5.12 -5.88 -1.87
CA ASN B 125 -4.04 -6.84 -1.63
C ASN B 125 -4.30 -7.68 -0.37
N ALA B 126 -4.95 -7.08 0.62
CA ALA B 126 -5.37 -7.82 1.83
C ALA B 126 -6.37 -8.92 1.48
N TRP B 127 -7.37 -8.58 0.64
CA TRP B 127 -8.38 -9.56 0.24
C TRP B 127 -7.74 -10.71 -0.53
N ILE B 128 -6.92 -10.35 -1.52
CA ILE B 128 -6.24 -11.32 -2.36
C ILE B 128 -5.38 -12.29 -1.55
N HIS B 129 -4.52 -11.76 -0.67
CA HIS B 129 -3.50 -12.61 -0.06
C HIS B 129 -3.85 -13.18 1.32
N TYR B 130 -4.74 -12.53 2.06
CA TYR B 130 -5.10 -13.00 3.39
C TYR B 130 -6.61 -13.06 3.64
N GLY B 131 -7.38 -12.78 2.59
CA GLY B 131 -8.82 -12.80 2.67
C GLY B 131 -9.49 -13.86 1.81
N GLY B 132 -8.70 -14.71 1.18
CA GLY B 132 -9.26 -15.77 0.34
C GLY B 132 -9.53 -15.40 -1.09
N GLY B 133 -9.20 -14.17 -1.49
CA GLY B 133 -9.47 -13.72 -2.84
C GLY B 133 -8.73 -14.48 -3.90
N LEU B 134 -7.43 -14.72 -3.68
CA LEU B 134 -6.62 -15.35 -4.73
C LEU B 134 -7.12 -16.74 -5.07
N GLN B 135 -7.48 -17.52 -4.06
CA GLN B 135 -7.99 -18.87 -4.30
C GLN B 135 -9.29 -18.86 -5.12
N GLN B 136 -10.21 -17.95 -4.82
CA GLN B 136 -11.44 -17.83 -5.59
C GLN B 136 -11.16 -17.45 -7.03
N LEU B 137 -10.17 -16.57 -7.24
CA LEU B 137 -9.84 -16.16 -8.59
C LEU B 137 -9.15 -17.30 -9.33
N ARG B 138 -8.34 -18.09 -8.63
CA ARG B 138 -7.65 -19.19 -9.30
C ARG B 138 -8.67 -20.18 -9.85
N GLU B 139 -9.75 -20.41 -9.11
CA GLU B 139 -10.79 -21.34 -9.57
C GLU B 139 -11.50 -20.80 -10.81
N LEU B 140 -11.73 -19.50 -10.83
CA LEU B 140 -12.32 -18.84 -12.00
C LEU B 140 -11.40 -18.96 -13.21
N TYR B 141 -10.13 -18.64 -13.01
CA TYR B 141 -9.20 -18.58 -14.13
C TYR B 141 -8.86 -19.94 -14.69
N LYS B 142 -8.99 -20.98 -13.87
CA LYS B 142 -8.66 -22.32 -14.33
C LYS B 142 -9.49 -22.73 -15.52
N LYS B 143 -10.71 -22.20 -15.59
CA LYS B 143 -11.62 -22.45 -16.71
C LYS B 143 -11.03 -22.00 -18.05
N TYR B 144 -10.13 -21.03 -17.97
CA TYR B 144 -9.55 -20.37 -19.13
C TYR B 144 -8.08 -20.76 -19.26
N ASN B 145 -7.68 -21.86 -18.62
CA ASN B 145 -6.32 -22.37 -18.71
C ASN B 145 -5.29 -21.38 -18.20
N ILE B 146 -5.63 -20.63 -17.14
CA ILE B 146 -4.79 -19.55 -16.64
C ILE B 146 -4.53 -19.72 -15.16
N VAL B 147 -3.30 -19.41 -14.76
CA VAL B 147 -2.90 -19.26 -13.36
C VAL B 147 -2.55 -17.80 -13.23
N ASN B 148 -3.35 -17.08 -12.43
CA ASN B 148 -3.24 -15.62 -12.30
C ASN B 148 -2.41 -15.17 -11.12
N HIS B 149 -1.65 -14.11 -11.31
CA HIS B 149 -0.90 -13.46 -10.21
C HIS B 149 -1.17 -11.96 -10.24
N VAL B 150 -1.45 -11.37 -9.09
CA VAL B 150 -1.51 -9.90 -8.99
C VAL B 150 -0.07 -9.39 -9.09
N CYS B 151 0.17 -8.40 -9.94
CA CYS B 151 1.54 -7.92 -10.11
C CYS B 151 1.70 -6.41 -10.17
N GLY B 152 0.70 -5.66 -9.75
CA GLY B 152 0.80 -4.21 -9.74
C GLY B 152 -0.51 -3.58 -9.37
N ASN B 153 -0.47 -2.27 -9.24
CA ASN B 153 -1.64 -1.47 -8.92
C ASN B 153 -1.30 -0.03 -9.27
N VAL B 154 -2.28 0.75 -9.74
CA VAL B 154 -2.03 2.13 -10.10
C VAL B 154 -2.78 3.07 -9.15
N GLY B 155 -3.40 2.49 -8.11
CA GLY B 155 -4.13 3.26 -7.13
C GLY B 155 -5.42 3.85 -7.61
N VAL B 156 -5.87 4.94 -6.96
CA VAL B 156 -7.06 5.66 -7.40
C VAL B 156 -6.68 6.49 -8.62
N GLN B 157 -7.40 6.23 -9.70
CA GLN B 157 -7.18 6.93 -10.94
C GLN B 157 -7.82 8.31 -10.95
N MET B 158 -7.50 9.12 -11.97
CA MET B 158 -8.26 10.34 -12.18
C MET B 158 -9.60 10.05 -12.93
N GLY B 159 -10.49 11.03 -12.99
CA GLY B 159 -11.78 10.84 -13.64
C GLY B 159 -11.74 11.00 -15.14
N GLY B 160 -10.62 11.48 -15.68
CA GLY B 160 -10.45 11.60 -17.12
C GLY B 160 -10.48 13.02 -17.63
N TRP B 161 -10.39 13.08 -18.97
CA TRP B 161 -10.24 14.30 -19.74
C TRP B 161 -11.50 14.58 -20.51
N TYR B 162 -12.05 15.80 -20.39
CA TYR B 162 -13.32 16.17 -21.01
C TYR B 162 -13.20 17.50 -21.77
N ARG B 163 -13.96 17.63 -22.85
CA ARG B 163 -14.02 18.88 -23.62
C ARG B 163 -14.96 19.88 -23.00
N LYS B 164 -16.04 19.36 -22.45
CA LYS B 164 -17.08 20.16 -21.84
C LYS B 164 -17.09 19.85 -20.38
N GLU B 165 -17.45 20.83 -19.56
CA GLU B 165 -17.66 20.60 -18.14
C GLU B 165 -18.69 19.51 -17.91
N ILE B 166 -18.52 18.79 -16.81
CA ILE B 166 -19.51 17.86 -16.34
C ILE B 166 -20.23 18.50 -15.17
N LYS B 167 -21.38 19.09 -15.43
CA LYS B 167 -22.12 19.77 -14.38
C LYS B 167 -23.18 18.87 -13.74
N SER B 168 -23.73 17.93 -14.50
CA SER B 168 -24.74 17.01 -13.98
C SER B 168 -24.67 15.70 -14.74
N THR B 169 -25.41 14.69 -14.30
CA THR B 169 -25.45 13.42 -15.01
C THR B 169 -26.03 13.56 -16.43
N ALA B 170 -26.75 14.66 -16.69
CA ALA B 170 -27.27 14.89 -18.03
C ALA B 170 -26.12 15.01 -19.02
N ASP B 171 -24.99 15.54 -18.56
CA ASP B 171 -23.86 15.76 -19.44
C ASP B 171 -23.17 14.45 -19.84
N LEU B 172 -23.48 13.37 -19.12
CA LEU B 172 -22.97 12.05 -19.46
C LEU B 172 -23.78 11.33 -20.54
N ASN B 173 -25.04 11.73 -20.72
CA ASN B 173 -25.90 11.04 -21.67
C ASN B 173 -25.46 11.27 -23.10
N GLY B 174 -25.12 10.18 -23.78
CA GLY B 174 -24.67 10.25 -25.15
C GLY B 174 -23.19 10.53 -25.31
N LEU B 175 -22.47 10.64 -24.21
CA LEU B 175 -21.04 10.88 -24.28
C LEU B 175 -20.28 9.66 -24.83
N ASN B 176 -19.44 9.88 -25.84
CA ASN B 176 -18.48 8.87 -26.27
C ASN B 176 -17.24 8.96 -25.40
N MET B 177 -17.00 7.94 -24.58
CA MET B 177 -15.90 8.00 -23.61
C MET B 177 -14.97 6.80 -23.74
N ARG B 178 -13.68 7.08 -23.90
CA ARG B 178 -12.69 6.01 -23.72
C ARG B 178 -12.58 5.73 -22.23
N ILE B 179 -12.78 4.47 -21.88
CA ILE B 179 -12.65 4.05 -20.47
C ILE B 179 -12.35 2.57 -20.43
N GLY B 180 -11.38 2.20 -19.61
CA GLY B 180 -11.03 0.81 -19.41
C GLY B 180 -11.79 0.28 -18.18
N GLY B 181 -12.07 -1.01 -18.20
CA GLY B 181 -12.57 -1.72 -17.04
C GLY B 181 -14.08 -1.64 -16.83
N ILE B 182 -14.53 -2.10 -15.67
CA ILE B 182 -15.94 -2.29 -15.38
C ILE B 182 -16.74 -0.98 -15.32
N GLY B 183 -16.06 0.13 -15.07
CA GLY B 183 -16.74 1.42 -15.01
C GLY B 183 -17.46 1.80 -16.30
N GLY B 184 -17.00 1.24 -17.40
CA GLY B 184 -17.64 1.47 -18.68
C GLY B 184 -19.05 0.91 -18.69
N MET B 185 -19.23 -0.25 -18.04
CA MET B 185 -20.55 -0.87 -17.90
C MET B 185 -21.43 -0.06 -16.98
N VAL B 186 -20.85 0.46 -15.90
CA VAL B 186 -21.62 1.30 -14.99
C VAL B 186 -22.10 2.53 -15.76
N LEU B 187 -21.18 3.19 -16.46
CA LEU B 187 -21.52 4.45 -17.14
C LEU B 187 -22.53 4.24 -18.27
N SER B 188 -22.55 3.04 -18.85
CA SER B 188 -23.53 2.71 -19.91
C SER B 188 -24.95 2.93 -19.40
N LYS B 189 -25.14 2.73 -18.10
CA LYS B 189 -26.46 2.90 -17.51
C LYS B 189 -26.90 4.34 -17.46
N LEU B 190 -25.94 5.26 -17.61
CA LEU B 190 -26.22 6.69 -17.61
C LEU B 190 -26.11 7.25 -19.03
N GLY B 191 -26.03 6.38 -20.01
CA GLY B 191 -26.09 6.79 -21.40
C GLY B 191 -24.75 7.02 -22.08
N VAL B 192 -23.67 6.72 -21.38
CA VAL B 192 -22.34 6.81 -21.95
C VAL B 192 -22.13 5.64 -22.91
N VAL B 193 -21.50 5.91 -24.04
CA VAL B 193 -20.99 4.85 -24.91
C VAL B 193 -19.47 4.63 -24.65
N PRO B 194 -19.11 3.54 -23.94
CA PRO B 194 -17.71 3.31 -23.57
C PRO B 194 -16.91 2.53 -24.62
N GLN B 195 -15.62 2.85 -24.73
CA GLN B 195 -14.69 2.11 -25.59
C GLN B 195 -13.40 1.87 -24.84
N GLN B 196 -12.92 0.62 -24.83
CA GLN B 196 -11.64 0.32 -24.18
C GLN B 196 -10.48 0.47 -25.18
N ILE B 197 -10.32 1.67 -25.73
CA ILE B 197 -9.29 1.93 -26.73
C ILE B 197 -7.91 1.77 -26.11
N PRO B 198 -6.98 1.08 -26.78
CA PRO B 198 -5.63 0.91 -26.20
C PRO B 198 -4.92 2.25 -25.99
N PRO B 199 -4.06 2.33 -24.99
CA PRO B 199 -3.49 3.59 -24.54
C PRO B 199 -2.82 4.42 -25.62
N GLY B 200 -2.07 3.79 -26.51
CA GLY B 200 -1.42 4.55 -27.57
C GLY B 200 -2.34 5.07 -28.65
N ASP B 201 -3.59 4.61 -28.66
CA ASP B 201 -4.59 5.04 -29.64
C ASP B 201 -5.60 6.03 -29.09
N ILE B 202 -5.51 6.37 -27.80
CA ILE B 202 -6.45 7.29 -27.19
C ILE B 202 -6.29 8.70 -27.74
N TYR B 203 -5.06 9.22 -27.77
CA TYR B 203 -4.86 10.60 -28.14
C TYR B 203 -5.39 10.92 -29.55
N PRO B 204 -5.08 10.09 -30.55
CA PRO B 204 -5.59 10.45 -31.88
C PRO B 204 -7.12 10.51 -31.94
N ALA B 205 -7.79 9.63 -31.20
CA ALA B 205 -9.26 9.61 -31.19
C ALA B 205 -9.79 10.86 -30.52
N LEU B 206 -9.14 11.27 -29.43
CA LEU B 206 -9.56 12.44 -28.73
C LEU B 206 -9.30 13.69 -29.57
N GLU B 207 -8.14 13.74 -30.23
CA GLU B 207 -7.78 14.85 -31.09
C GLU B 207 -8.76 15.00 -32.26
N LYS B 208 -9.09 13.88 -32.88
CA LYS B 208 -9.94 13.85 -34.07
C LYS B 208 -11.40 14.12 -33.71
N GLY B 209 -11.78 13.74 -32.50
CA GLY B 209 -13.14 13.94 -32.02
C GLY B 209 -14.05 12.74 -32.14
N THR B 210 -13.48 11.56 -32.37
CA THR B 210 -14.31 10.35 -32.47
C THR B 210 -14.73 9.92 -31.06
N ILE B 211 -14.03 10.41 -30.05
CA ILE B 211 -14.50 10.37 -28.66
C ILE B 211 -14.53 11.78 -28.10
N ASP B 212 -15.40 11.99 -27.12
CA ASP B 212 -15.63 13.26 -26.44
C ASP B 212 -14.81 13.39 -25.16
N ALA B 213 -14.37 12.26 -24.63
CA ALA B 213 -13.72 12.20 -23.33
C ALA B 213 -12.89 10.94 -23.23
N ALA B 214 -11.91 10.95 -22.33
CA ALA B 214 -11.06 9.78 -22.14
C ALA B 214 -10.46 9.76 -20.76
N GLU B 215 -10.52 8.60 -20.14
CA GLU B 215 -9.73 8.37 -18.93
C GLU B 215 -8.68 7.31 -19.28
N TRP B 216 -7.51 7.43 -18.66
CA TRP B 216 -6.47 6.40 -18.75
C TRP B 216 -6.09 5.98 -17.33
N ILE B 217 -5.25 6.75 -16.66
CA ILE B 217 -4.82 6.39 -15.31
C ILE B 217 -4.66 7.60 -14.38
N GLY B 218 -3.81 8.56 -14.75
CA GLY B 218 -3.48 9.61 -13.83
C GLY B 218 -2.45 10.54 -14.37
N PRO B 219 -1.98 11.47 -13.52
CA PRO B 219 -1.27 12.62 -14.08
C PRO B 219 -0.01 12.26 -14.86
N TYR B 220 0.82 11.36 -14.33
CA TYR B 220 2.08 11.07 -14.99
C TYR B 220 1.85 10.45 -16.36
N ASP B 221 1.07 9.37 -16.42
CA ASP B 221 0.85 8.70 -17.71
C ASP B 221 0.06 9.57 -18.65
N ASP B 222 -0.95 10.25 -18.12
CA ASP B 222 -1.84 11.02 -18.97
C ASP B 222 -1.06 12.16 -19.65
N GLU B 223 -0.23 12.84 -18.88
CA GLU B 223 0.62 13.90 -19.43
C GLU B 223 1.54 13.33 -20.49
N LYS B 224 2.08 12.15 -20.25
CA LYS B 224 2.96 11.50 -21.22
C LYS B 224 2.26 11.25 -22.55
N LEU B 225 1.02 10.80 -22.46
CA LEU B 225 0.26 10.44 -23.64
C LEU B 225 -0.34 11.67 -24.32
N GLY B 226 -0.42 12.79 -23.60
CA GLY B 226 -0.72 14.08 -24.22
C GLY B 226 -2.15 14.60 -24.19
N PHE B 227 -3.02 14.01 -23.37
CA PHE B 227 -4.44 14.34 -23.41
C PHE B 227 -4.75 15.78 -23.06
N ASN B 228 -3.90 16.40 -22.25
CA ASN B 228 -4.12 17.79 -21.88
C ASN B 228 -4.01 18.75 -23.05
N LYS B 229 -3.40 18.30 -24.13
CA LYS B 229 -3.26 19.15 -25.32
C LYS B 229 -4.58 19.30 -26.05
N VAL B 230 -5.50 18.36 -25.83
CA VAL B 230 -6.76 18.33 -26.59
C VAL B 230 -8.03 18.30 -25.76
N ALA B 231 -7.90 18.38 -24.44
CA ALA B 231 -9.05 18.42 -23.56
C ALA B 231 -8.73 19.30 -22.37
N PRO B 232 -9.54 20.35 -22.10
CA PRO B 232 -9.19 21.30 -21.04
C PRO B 232 -9.50 20.84 -19.60
N TYR B 233 -10.50 19.99 -19.45
CA TYR B 233 -11.02 19.60 -18.15
C TYR B 233 -10.54 18.22 -17.70
N TYR B 234 -9.96 18.18 -16.49
CA TYR B 234 -9.45 16.97 -15.86
C TYR B 234 -10.23 16.77 -14.57
N TYR B 235 -11.09 15.75 -14.51
CA TYR B 235 -11.89 15.54 -13.31
C TYR B 235 -11.29 14.51 -12.37
N SER B 236 -11.78 14.58 -11.13
CA SER B 236 -11.42 13.65 -10.06
C SER B 236 -12.65 13.34 -9.24
N PRO B 237 -12.75 12.14 -8.65
CA PRO B 237 -11.80 11.03 -8.75
C PRO B 237 -12.23 9.99 -9.74
N GLY B 238 -11.32 9.10 -10.11
CA GLY B 238 -11.66 7.95 -10.93
C GLY B 238 -12.26 6.84 -10.08
N TRP B 239 -13.56 6.95 -9.81
CA TRP B 239 -14.34 6.00 -9.04
C TRP B 239 -14.44 4.62 -9.72
N PHE B 240 -14.01 4.58 -10.99
CA PHE B 240 -14.13 3.41 -11.88
C PHE B 240 -13.68 2.09 -11.28
N GLU B 241 -12.59 2.17 -10.50
CA GLU B 241 -12.09 1.10 -9.68
C GLU B 241 -11.71 1.70 -8.34
N GLY B 242 -11.89 0.98 -7.24
CA GLY B 242 -11.34 1.46 -5.97
C GLY B 242 -9.83 1.57 -6.06
N SER B 243 -9.24 0.67 -6.84
CA SER B 243 -7.84 0.67 -7.21
C SER B 243 -7.81 -0.17 -8.45
N ALA B 244 -7.04 0.24 -9.45
CA ALA B 244 -6.88 -0.63 -10.64
C ALA B 244 -5.65 -1.53 -10.46
N SER B 245 -5.95 -2.77 -10.15
CA SER B 245 -4.95 -3.81 -9.95
C SER B 245 -4.58 -4.43 -11.28
N ILE B 246 -3.31 -4.76 -11.39
CA ILE B 246 -2.72 -5.32 -12.61
C ILE B 246 -2.41 -6.80 -12.39
N THR B 247 -2.66 -7.57 -13.44
CA THR B 247 -2.53 -9.02 -13.42
C THR B 247 -1.53 -9.56 -14.42
N SER B 248 -0.75 -10.55 -14.00
CA SER B 248 -0.09 -11.43 -14.97
C SER B 248 -0.81 -12.77 -15.02
N MET B 249 -1.41 -13.03 -16.19
CA MET B 249 -2.05 -14.29 -16.48
C MET B 249 -1.03 -15.20 -17.10
N VAL B 250 -0.86 -16.37 -16.51
CA VAL B 250 0.12 -17.36 -16.96
C VAL B 250 -0.60 -18.60 -17.48
N ASN B 251 -0.16 -19.07 -18.65
CA ASN B 251 -0.72 -20.28 -19.23
C ASN B 251 -0.50 -21.43 -18.25
N ASP B 252 -1.54 -22.20 -17.98
CA ASP B 252 -1.45 -23.17 -16.88
C ASP B 252 -0.43 -24.29 -17.14
N LYS B 253 -0.23 -24.67 -18.39
CA LYS B 253 0.78 -25.69 -18.71
C LYS B 253 2.20 -25.12 -18.56
N ALA B 254 2.39 -23.87 -18.96
CA ALA B 254 3.68 -23.20 -18.76
C ALA B 254 4.00 -23.08 -17.28
N TRP B 255 3.00 -22.75 -16.48
CA TRP B 255 3.15 -22.64 -15.05
C TRP B 255 3.50 -23.98 -14.41
N GLU B 256 2.72 -25.01 -14.77
CA GLU B 256 2.83 -26.33 -14.14
C GLU B 256 4.19 -26.95 -14.39
N ALA B 257 4.77 -26.66 -15.55
CA ALA B 257 6.10 -27.18 -15.91
C ALA B 257 7.25 -26.55 -15.12
N LEU B 258 7.03 -25.41 -14.46
CA LEU B 258 8.11 -24.75 -13.77
C LEU B 258 8.52 -25.50 -12.50
N PRO B 259 9.83 -25.58 -12.25
CA PRO B 259 10.28 -26.06 -10.94
C PRO B 259 9.91 -25.09 -9.81
N PRO B 260 9.88 -25.58 -8.55
CA PRO B 260 9.38 -24.75 -7.45
C PRO B 260 10.14 -23.43 -7.28
N ALA B 261 11.46 -23.44 -7.46
CA ALA B 261 12.23 -22.20 -7.29
C ALA B 261 11.85 -21.16 -8.34
N TYR B 262 11.48 -21.61 -9.54
CA TYR B 262 11.11 -20.67 -10.59
C TYR B 262 9.72 -20.14 -10.33
N GLN B 263 8.82 -20.99 -9.81
CA GLN B 263 7.50 -20.52 -9.43
C GLN B 263 7.62 -19.47 -8.34
N ALA B 264 8.50 -19.74 -7.36
CA ALA B 264 8.71 -18.81 -6.27
C ALA B 264 9.28 -17.49 -6.79
N ALA B 265 10.17 -17.58 -7.76
CA ALA B 265 10.75 -16.39 -8.36
C ALA B 265 9.66 -15.52 -9.00
N PHE B 266 8.73 -16.16 -9.72
CA PHE B 266 7.66 -15.40 -10.36
C PHE B 266 6.70 -14.82 -9.33
N GLU B 267 6.34 -15.61 -8.33
CA GLU B 267 5.45 -15.13 -7.27
C GLU B 267 6.07 -13.97 -6.50
N ALA B 268 7.34 -14.09 -6.15
CA ALA B 268 7.99 -13.03 -5.37
C ALA B 268 8.15 -11.77 -6.19
N ALA B 269 8.50 -11.92 -7.46
CA ALA B 269 8.62 -10.76 -8.36
C ALA B 269 7.28 -10.04 -8.47
N CYS B 270 6.21 -10.81 -8.60
CA CYS B 270 4.87 -10.23 -8.63
C CYS B 270 4.46 -9.56 -7.33
N GLY B 271 4.79 -10.18 -6.21
CA GLY B 271 4.49 -9.62 -4.91
C GLY B 271 5.24 -8.30 -4.70
N GLU B 272 6.50 -8.28 -5.09
CA GLU B 272 7.31 -7.08 -5.00
C GLU B 272 6.78 -5.97 -5.91
N GLN B 273 6.38 -6.29 -7.13
CA GLN B 273 5.83 -5.25 -8.01
C GLN B 273 4.48 -4.76 -7.56
N SER B 274 3.74 -5.58 -6.82
CA SER B 274 2.50 -5.13 -6.21
C SER B 274 2.75 -3.92 -5.31
N MET B 275 3.95 -3.81 -4.74
CA MET B 275 4.35 -2.60 -4.01
C MET B 275 5.07 -1.59 -4.93
N ARG B 276 6.00 -2.03 -5.76
CA ARG B 276 6.87 -1.11 -6.48
C ARG B 276 6.16 -0.32 -7.59
N MET B 277 5.22 -0.93 -8.31
CA MET B 277 4.59 -0.22 -9.39
C MET B 277 3.86 1.00 -8.80
N LEU B 278 3.07 0.77 -7.75
CA LEU B 278 2.31 1.85 -7.14
C LEU B 278 3.21 2.87 -6.45
N ALA B 279 4.34 2.41 -5.91
CA ALA B 279 5.32 3.32 -5.31
C ALA B 279 5.87 4.30 -6.36
N ASN B 280 6.07 3.83 -7.59
CA ASN B 280 6.53 4.67 -8.70
C ASN B 280 5.46 5.66 -9.13
N TYR B 281 4.22 5.19 -9.31
CA TYR B 281 3.12 6.13 -9.57
C TYR B 281 3.00 7.19 -8.47
N ASP B 282 3.03 6.77 -7.20
CA ASP B 282 2.92 7.72 -6.10
C ASP B 282 4.02 8.77 -6.13
N ALA B 283 5.23 8.36 -6.47
CA ALA B 283 6.34 9.28 -6.55
C ALA B 283 6.26 10.27 -7.71
N ARG B 284 5.76 9.79 -8.84
CA ARG B 284 5.73 10.60 -10.07
C ARG B 284 4.50 11.46 -10.27
N ASN B 285 3.35 10.98 -9.81
CA ASN B 285 2.11 11.67 -10.09
C ASN B 285 2.02 13.13 -9.58
N PRO B 286 2.52 13.43 -8.37
CA PRO B 286 2.35 14.82 -7.88
C PRO B 286 3.03 15.86 -8.78
N LEU B 287 4.23 15.57 -9.26
CA LEU B 287 4.96 16.52 -10.11
C LEU B 287 4.27 16.65 -11.45
N ALA B 288 3.77 15.54 -11.97
CA ALA B 288 3.07 15.60 -13.25
C ALA B 288 1.78 16.43 -13.14
N LEU B 289 1.08 16.31 -12.01
CA LEU B 289 -0.14 17.09 -11.83
C LEU B 289 0.22 18.57 -11.76
N ARG B 290 1.32 18.90 -11.08
CA ARG B 290 1.75 20.28 -11.02
C ARG B 290 2.04 20.82 -12.42
N LYS B 291 2.74 20.03 -13.22
CA LYS B 291 3.04 20.39 -14.60
C LYS B 291 1.77 20.60 -15.42
N LEU B 292 0.81 19.70 -15.23
CA LEU B 292 -0.46 19.78 -15.96
C LEU B 292 -1.20 21.05 -15.62
N ILE B 293 -1.28 21.37 -14.35
CA ILE B 293 -1.99 22.57 -13.89
C ILE B 293 -1.24 23.81 -14.43
N ALA B 294 0.08 23.79 -14.33
CA ALA B 294 0.90 24.92 -14.76
C ALA B 294 0.70 25.19 -16.24
N GLY B 295 0.46 24.12 -16.99
CA GLY B 295 0.19 24.20 -18.42
C GLY B 295 -1.23 24.56 -18.81
N GLY B 296 -2.13 24.67 -17.84
CA GLY B 296 -3.50 25.12 -18.13
C GLY B 296 -4.62 24.11 -17.93
N ALA B 297 -4.31 22.92 -17.41
CA ALA B 297 -5.37 21.95 -17.20
C ALA B 297 -6.24 22.43 -16.06
N LYS B 298 -7.55 22.29 -16.21
CA LYS B 298 -8.48 22.70 -15.16
C LYS B 298 -8.93 21.47 -14.40
N VAL B 299 -8.43 21.34 -13.19
CA VAL B 299 -8.69 20.17 -12.34
C VAL B 299 -9.89 20.48 -11.48
N SER B 300 -10.87 19.58 -11.57
CA SER B 300 -12.18 19.78 -10.99
C SER B 300 -12.65 18.47 -10.37
N PHE B 301 -13.50 18.56 -9.35
CA PHE B 301 -14.14 17.37 -8.80
C PHE B 301 -15.50 17.16 -9.46
N PHE B 302 -15.85 15.91 -9.73
CA PHE B 302 -17.19 15.59 -10.16
C PHE B 302 -18.19 16.15 -9.15
N PRO B 303 -19.30 16.71 -9.63
CA PRO B 303 -20.37 17.15 -8.72
C PRO B 303 -20.88 16.01 -7.85
N LYS B 304 -21.31 16.33 -6.65
CA LYS B 304 -21.90 15.36 -5.74
C LYS B 304 -23.04 14.60 -6.45
N GLU B 305 -23.80 15.31 -7.29
CA GLU B 305 -24.95 14.70 -7.99
C GLU B 305 -24.51 13.58 -8.95
N VAL B 306 -23.36 13.78 -9.60
CA VAL B 306 -22.78 12.78 -10.49
C VAL B 306 -22.22 11.61 -9.67
N MET B 307 -21.48 11.92 -8.61
CA MET B 307 -20.91 10.87 -7.76
C MET B 307 -22.00 9.95 -7.20
N ASP B 308 -23.07 10.54 -6.72
CA ASP B 308 -24.15 9.75 -6.15
C ASP B 308 -24.80 8.90 -7.22
N ALA B 309 -24.89 9.44 -8.43
CA ALA B 309 -25.54 8.70 -9.51
C ALA B 309 -24.71 7.51 -9.98
N VAL B 310 -23.39 7.69 -10.14
CA VAL B 310 -22.56 6.58 -10.59
C VAL B 310 -22.40 5.57 -9.45
N TYR B 311 -22.45 6.01 -8.21
CA TYR B 311 -22.40 5.07 -7.12
C TYR B 311 -23.65 4.18 -7.12
N LYS B 312 -24.80 4.81 -7.33
CA LYS B 312 -26.06 4.08 -7.37
C LYS B 312 -26.08 3.08 -8.52
N ALA B 313 -25.62 3.53 -9.69
CA ALA B 313 -25.58 2.68 -10.88
C ALA B 313 -24.63 1.51 -10.68
N SER B 314 -23.53 1.74 -9.95
CA SER B 314 -22.59 0.67 -9.63
C SER B 314 -23.28 -0.41 -8.82
N GLN B 315 -24.05 0.00 -7.80
CA GLN B 315 -24.68 -0.98 -6.92
C GLN B 315 -25.75 -1.75 -7.70
N GLN B 316 -26.46 -1.05 -8.58
CA GLN B 316 -27.45 -1.71 -9.42
C GLN B 316 -26.78 -2.74 -10.31
N LEU B 317 -25.62 -2.40 -10.86
CA LEU B 317 -24.91 -3.33 -11.71
C LEU B 317 -24.50 -4.60 -10.95
N TRP B 318 -24.06 -4.51 -9.69
CA TRP B 318 -23.60 -5.74 -9.04
C TRP B 318 -24.79 -6.70 -8.82
N THR B 319 -25.96 -6.13 -8.55
CA THR B 319 -27.17 -6.94 -8.42
C THR B 319 -27.46 -7.64 -9.75
N GLU B 320 -27.32 -6.90 -10.84
N GLU B 320 -27.33 -6.92 -10.85
CA GLU B 320 -27.58 -7.42 -12.18
CA GLU B 320 -27.61 -7.49 -12.16
C GLU B 320 -26.60 -8.54 -12.54
C GLU B 320 -26.60 -8.56 -12.54
N LEU B 321 -25.33 -8.29 -12.28
CA LEU B 321 -24.28 -9.24 -12.64
C LEU B 321 -24.37 -10.49 -11.77
N SER B 322 -24.78 -10.32 -10.53
CA SER B 322 -25.00 -11.45 -9.62
C SER B 322 -26.14 -12.34 -10.16
N GLU B 323 -27.20 -11.71 -10.67
CA GLU B 323 -28.35 -12.45 -11.18
C GLU B 323 -28.04 -13.16 -12.48
N LYS B 324 -27.20 -12.57 -13.32
CA LYS B 324 -26.91 -13.09 -14.66
C LYS B 324 -25.70 -14.03 -14.73
N ASN B 325 -24.74 -13.87 -13.83
CA ASN B 325 -23.47 -14.58 -13.90
C ASN B 325 -23.17 -15.33 -12.62
N PRO B 326 -23.35 -16.65 -12.60
CA PRO B 326 -23.07 -17.42 -11.37
C PRO B 326 -21.65 -17.23 -10.83
N ASP B 327 -20.69 -16.93 -11.70
CA ASP B 327 -19.31 -16.77 -11.25
C ASP B 327 -19.19 -15.47 -10.46
N PHE B 328 -19.98 -14.47 -10.81
CA PHE B 328 -19.98 -13.20 -10.07
C PHE B 328 -20.70 -13.37 -8.75
N LYS B 329 -21.86 -14.03 -8.80
CA LYS B 329 -22.65 -14.29 -7.61
C LYS B 329 -21.85 -15.07 -6.56
N ALA B 330 -20.97 -15.97 -7.02
CA ALA B 330 -20.19 -16.81 -6.12
C ALA B 330 -19.23 -15.98 -5.25
N ILE B 331 -18.70 -14.92 -5.84
CA ILE B 331 -17.69 -14.12 -5.15
C ILE B 331 -18.24 -12.91 -4.43
N TYR B 332 -19.29 -12.30 -4.96
CA TYR B 332 -19.69 -10.96 -4.49
C TYR B 332 -20.04 -10.86 -2.97
N PRO B 333 -20.85 -11.80 -2.42
CA PRO B 333 -21.27 -11.60 -1.03
C PRO B 333 -20.09 -11.55 -0.07
N GLY B 334 -19.12 -12.43 -0.24
CA GLY B 334 -17.95 -12.45 0.63
C GLY B 334 -17.07 -11.24 0.42
N TRP B 335 -17.00 -10.78 -0.83
CA TRP B 335 -16.17 -9.63 -1.17
C TRP B 335 -16.79 -8.40 -0.52
N LYS B 336 -18.11 -8.31 -0.58
CA LYS B 336 -18.84 -7.16 -0.02
C LYS B 336 -18.67 -7.07 1.50
N LYS B 337 -18.78 -8.22 2.16
CA LYS B 337 -18.56 -8.28 3.60
C LYS B 337 -17.13 -7.85 3.92
N PHE B 338 -16.17 -8.27 3.11
CA PHE B 338 -14.78 -7.90 3.33
C PHE B 338 -14.62 -6.38 3.18
N GLN B 339 -15.28 -5.78 2.17
CA GLN B 339 -15.19 -4.33 2.03
C GLN B 339 -15.81 -3.63 3.23
N GLU B 340 -16.96 -4.13 3.70
CA GLU B 340 -17.59 -3.52 4.86
C GLU B 340 -16.66 -3.57 6.07
N ASP B 341 -16.01 -4.71 6.29
CA ASP B 341 -15.10 -4.85 7.44
C ASP B 341 -13.92 -3.91 7.31
N GLU B 342 -13.34 -3.85 6.11
CA GLU B 342 -12.17 -3.04 5.84
C GLU B 342 -12.49 -1.55 5.98
N ALA B 343 -13.59 -1.11 5.37
CA ALA B 343 -13.93 0.31 5.40
C ALA B 343 -14.21 0.73 6.85
N GLY B 344 -14.90 -0.14 7.60
CA GLY B 344 -15.19 0.13 8.99
C GLY B 344 -13.92 0.32 9.78
N TRP B 345 -12.93 -0.53 9.53
CA TRP B 345 -11.68 -0.43 10.27
C TRP B 345 -10.85 0.78 9.83
N PHE B 346 -10.77 1.05 8.52
CA PHE B 346 -9.99 2.18 8.05
C PHE B 346 -10.54 3.52 8.52
N ARG B 347 -11.84 3.58 8.80
CA ARG B 347 -12.42 4.82 9.29
C ARG B 347 -12.00 5.12 10.74
N VAL B 348 -11.59 4.09 11.47
CA VAL B 348 -11.21 4.25 12.88
C VAL B 348 -9.84 4.90 13.09
N ALA B 349 -8.83 4.47 12.34
CA ALA B 349 -7.47 4.94 12.50
C ALA B 349 -6.81 5.41 11.21
N GLU B 350 -6.70 4.55 10.21
CA GLU B 350 -5.98 4.90 9.00
C GLU B 350 -6.46 6.21 8.39
N ASN B 351 -7.78 6.32 8.19
CA ASN B 351 -8.32 7.48 7.48
C ASN B 351 -8.38 8.67 8.42
N ALA B 352 -8.47 8.41 9.74
CA ALA B 352 -8.50 9.47 10.72
C ALA B 352 -7.18 10.20 10.69
N LEU B 353 -6.08 9.47 10.70
CA LEU B 353 -4.77 10.12 10.68
C LEU B 353 -4.48 10.74 9.32
N ASP B 354 -4.79 10.03 8.22
CA ASP B 354 -4.52 10.64 6.91
C ASP B 354 -5.26 11.95 6.71
N ASN B 355 -6.53 12.00 7.08
CA ASN B 355 -7.27 13.23 6.90
C ASN B 355 -6.69 14.37 7.75
N TYR B 356 -6.30 14.07 8.98
CA TYR B 356 -5.69 15.07 9.84
C TYR B 356 -4.35 15.56 9.27
N THR B 357 -3.49 14.62 8.92
CA THR B 357 -2.16 14.97 8.42
C THR B 357 -2.22 15.70 7.07
N PHE B 358 -3.00 15.21 6.12
CA PHE B 358 -3.02 15.89 4.83
C PHE B 358 -3.48 17.34 4.98
N ALA B 359 -4.47 17.56 5.84
CA ALA B 359 -4.94 18.91 6.09
C ALA B 359 -3.89 19.76 6.82
N ALA B 360 -3.22 19.15 7.80
CA ALA B 360 -2.18 19.88 8.53
C ALA B 360 -1.02 20.29 7.65
N VAL B 361 -0.62 19.40 6.74
CA VAL B 361 0.47 19.71 5.81
C VAL B 361 0.09 20.91 4.93
N ALA B 362 -1.15 20.92 4.43
CA ALA B 362 -1.63 22.02 3.63
C ALA B 362 -1.66 23.32 4.44
N ARG B 363 -2.14 23.25 5.68
CA ARG B 363 -2.25 24.43 6.54
C ARG B 363 -0.86 25.01 6.79
N ALA B 364 0.12 24.15 7.04
CA ALA B 364 1.50 24.60 7.30
C ALA B 364 2.09 25.27 6.07
N GLN B 365 1.73 24.75 4.90
CA GLN B 365 2.14 25.33 3.64
C GLN B 365 1.60 26.74 3.48
N ALA B 366 0.31 26.90 3.74
CA ALA B 366 -0.33 28.21 3.70
C ALA B 366 0.27 29.17 4.72
N LYS B 367 0.45 28.68 5.96
CA LYS B 367 0.99 29.52 7.03
C LYS B 367 2.39 30.03 6.70
N ALA B 368 3.19 29.20 6.05
CA ALA B 368 4.52 29.60 5.62
C ALA B 368 4.48 30.75 4.61
N GLU B 369 3.35 30.94 3.93
CA GLU B 369 3.19 32.02 2.95
C GLU B 369 2.28 33.13 3.45
N ASN B 370 1.98 33.09 4.75
CA ASN B 370 1.04 34.00 5.38
C ASN B 370 -0.29 34.08 4.65
N LEU B 371 -0.74 32.92 4.17
CA LEU B 371 -2.04 32.78 3.54
C LEU B 371 -3.02 32.11 4.49
N TYR B 372 -4.29 32.40 4.31
CA TYR B 372 -5.34 31.84 5.16
C TYR B 372 -5.68 30.43 4.72
N PHE B 373 -5.85 29.52 5.70
CA PHE B 373 -6.29 28.16 5.40
C PHE B 373 -7.64 27.87 6.06
CA CA C . 4.00 1.31 18.22
C ACT D . 13.52 -8.42 24.39
O ACT D . 14.66 -8.01 24.72
OXT ACT D . 13.05 -7.97 23.32
CH3 ACT D . 12.72 -9.40 25.20
H1 ACT D . 11.78 -9.59 24.69
H2 ACT D . 12.54 -8.99 26.19
H3 ACT D . 13.28 -10.34 25.28
C ACT E . 0.14 18.97 -5.22
O ACT E . 1.04 18.14 -4.92
OXT ACT E . -0.51 18.73 -6.27
CH3 ACT E . -0.12 20.18 -4.37
H1 ACT E . -0.93 20.76 -4.82
H2 ACT E . 0.78 20.79 -4.32
H3 ACT E . -0.41 19.87 -3.37
C1 6PC F . 6.41 -0.91 17.51
C3 6PC F . 5.07 -0.74 15.56
C4 6PC F . 5.74 -1.82 14.94
C2 6PC F . 6.70 -0.44 18.80
C5 6PC F . 6.77 -2.46 15.65
C6 6PC F . 7.10 -1.98 16.93
O1 6PC F . 7.75 -0.82 19.38
O2 6PC F . 5.90 0.35 19.38
N2 6PC F . 5.41 -0.30 16.84
N1 IMD G . 5.17 -17.78 0.39
C2 IMD G . 6.16 -17.89 1.31
N3 IMD G . 6.49 -16.65 1.75
C4 IMD G . 5.70 -15.74 1.11
C5 IMD G . 4.86 -16.46 0.25
HN1 IMD G . 4.75 -18.52 -0.10
H2 IMD G . 6.58 -18.73 1.60
HN3 IMD G . 7.17 -16.44 2.42
H4 IMD G . 5.70 -14.77 1.23
H5 IMD G . 4.18 -16.08 -0.35
CA CA H . -8.36 3.43 -16.38
C ACT I . -3.02 -2.74 -28.94
O ACT I . -3.03 -2.89 -27.70
OXT ACT I . -3.77 -3.49 -29.58
CH3 ACT I . -2.14 -1.68 -29.54
H1 ACT I . -1.59 -1.17 -28.76
H2 ACT I . -2.75 -0.97 -30.09
H3 ACT I . -1.43 -2.16 -30.23
C1 6PC J . -6.37 0.94 -17.54
C3 6PC J . -5.67 1.38 -15.32
C4 6PC J . -4.59 0.50 -15.44
C2 6PC J . -7.32 1.21 -18.58
C5 6PC J . -4.41 -0.16 -16.64
C6 6PC J . -5.31 0.06 -17.71
O1 6PC J . -8.17 2.13 -18.44
O2 6PC J . -7.32 0.54 -19.63
N2 6PC J . -6.55 1.59 -16.37
#